data_8YZY
#
_entry.id   8YZY
#
_cell.length_a   52.892
_cell.length_b   127.635
_cell.length_c   89.143
_cell.angle_alpha   90.00
_cell.angle_beta   93.47
_cell.angle_gamma   90.00
#
_symmetry.space_group_name_H-M   'P 1 21 1'
#
loop_
_entity.id
_entity.type
_entity.pdbx_description
1 polymer 'SydA mutant W297Y'
2 non-polymer 'PYROPHOSPHATE 2-'
3 non-polymer 'MAGNESIUM ION'
4 water water
#
_entity_poly.entity_id   1
_entity_poly.type   'polypeptide(L)'
_entity_poly.pdbx_seq_one_letter_code
;PEDVRFMVSLSEYGAILSRFFEKIDFHLPKPYYDSSIEPALAKYIEEQPWSEDLKTRAAKYAKQAVGIASWYPRASFAVR
FNCVVITLLVIIYDEDYLTFGDAGTEFSLRLVRGLPQKAPFLDSLAQFLQNTDQYLGPYGSSMVIKTTLEFVEGTNVEND
FSEAVPPDALRFPRYLRVKTGFAETYAHAIFPNDTFPEHKYRKLYLPALSPLCDIIDFTNDILSFYKETIRGTERINYIC
NVANTTGSSALRCLQETVDAVESRVLEIHRILAPYPDLLAHCNDYLAAYIGYHIRTTSRYFLDEVRF
;
_entity_poly.pdbx_strand_id   A,B,C,D
#
loop_
_chem_comp.id
_chem_comp.type
_chem_comp.name
_chem_comp.formula
MG non-polymer 'MAGNESIUM ION' 'Mg 2'
POP non-polymer 'PYROPHOSPHATE 2-' 'H2 O7 P2 -2'
#
# COMPACT_ATOMS: atom_id res chain seq x y z
N VAL A 4 34.47 28.28 31.10
CA VAL A 4 34.28 29.68 31.47
C VAL A 4 33.29 30.31 30.49
N ARG A 5 33.70 30.43 29.23
CA ARG A 5 32.75 30.71 28.17
C ARG A 5 31.65 29.67 28.12
N PHE A 6 31.82 28.54 28.80
CA PHE A 6 30.86 27.46 28.83
C PHE A 6 30.10 27.40 30.15
N MET A 7 30.42 28.27 31.10
CA MET A 7 29.67 28.29 32.35
C MET A 7 28.25 28.78 32.10
N VAL A 8 27.28 28.01 32.59
CA VAL A 8 25.89 28.43 32.64
C VAL A 8 25.39 28.07 34.02
N SER A 9 24.87 29.06 34.75
CA SER A 9 24.37 28.82 36.09
C SER A 9 23.02 28.11 36.06
N LEU A 10 22.66 27.51 37.20
CA LEU A 10 21.35 26.86 37.31
C LEU A 10 20.23 27.84 37.00
N SER A 11 20.34 29.08 37.52
CA SER A 11 19.27 30.07 37.38
C SER A 11 19.11 30.55 35.95
N GLU A 12 20.24 30.79 35.26
CA GLU A 12 20.21 31.19 33.86
C GLU A 12 19.53 30.12 33.01
N TYR A 13 19.91 28.86 33.25
CA TYR A 13 19.40 27.73 32.48
C TYR A 13 17.90 27.52 32.73
N GLY A 14 17.49 27.50 33.99
CA GLY A 14 16.08 27.35 34.28
C GLY A 14 15.24 28.45 33.68
N ALA A 15 15.76 29.67 33.64
CA ALA A 15 14.99 30.78 33.06
C ALA A 15 14.85 30.62 31.55
N ILE A 16 15.90 30.13 30.89
CA ILE A 16 15.79 29.85 29.47
C ILE A 16 14.72 28.80 29.21
N LEU A 17 14.75 27.70 29.97
CA LEU A 17 13.73 26.67 29.77
C LEU A 17 12.32 27.21 30.03
N SER A 18 12.15 28.06 31.06
CA SER A 18 10.83 28.61 31.36
C SER A 18 10.29 29.40 30.18
N ARG A 19 11.11 30.32 29.66
CA ARG A 19 10.67 31.14 28.53
C ARG A 19 10.44 30.29 27.29
N PHE A 20 11.26 29.25 27.09
CA PHE A 20 11.08 28.34 25.96
C PHE A 20 9.72 27.68 26.01
N PHE A 21 9.36 27.14 27.17
CA PHE A 21 8.10 26.44 27.31
C PHE A 21 6.93 27.39 27.14
N GLU A 22 7.05 28.62 27.66
CA GLU A 22 5.99 29.61 27.48
C GLU A 22 5.81 29.96 26.02
N LYS A 23 6.91 30.12 25.29
CA LYS A 23 6.81 30.63 23.93
C LYS A 23 6.20 29.60 22.97
N ILE A 24 6.42 28.29 23.20
CA ILE A 24 5.85 27.28 22.33
C ILE A 24 4.55 26.73 22.91
N ASP A 25 4.05 27.35 23.97
CA ASP A 25 2.80 26.93 24.61
C ASP A 25 2.86 25.46 25.03
N PHE A 26 4.00 25.04 25.57
CA PHE A 26 4.13 23.66 26.01
C PHE A 26 3.31 23.42 27.28
N HIS A 27 2.56 22.31 27.28
CA HIS A 27 1.93 21.74 28.47
C HIS A 27 2.24 20.26 28.56
N LEU A 28 2.63 19.83 29.74
CA LEU A 28 2.99 18.45 30.01
C LEU A 28 1.80 17.53 29.78
N PRO A 29 1.89 16.54 28.90
CA PRO A 29 0.76 15.64 28.68
C PRO A 29 0.46 14.87 29.95
N LYS A 30 -0.75 14.32 30.01
CA LYS A 30 -1.04 13.40 31.09
C LYS A 30 -0.18 12.15 30.93
N PRO A 31 0.20 11.51 32.05
CA PRO A 31 1.08 10.35 31.96
C PRO A 31 0.52 9.29 31.02
N TYR A 32 1.40 8.78 30.16
CA TYR A 32 1.06 7.72 29.22
C TYR A 32 1.55 6.39 29.79
N TYR A 33 0.68 5.36 29.74
CA TYR A 33 1.04 4.02 30.18
C TYR A 33 0.36 2.95 29.35
N ASP A 34 1.17 2.06 28.77
CA ASP A 34 0.68 0.84 28.12
C ASP A 34 1.33 -0.34 28.84
N SER A 35 0.50 -1.13 29.54
CA SER A 35 1.00 -2.20 30.40
C SER A 35 1.80 -3.22 29.60
N SER A 36 1.60 -3.27 28.28
CA SER A 36 2.24 -4.27 27.44
C SER A 36 3.67 -3.94 27.07
N ILE A 37 4.10 -2.68 27.18
CA ILE A 37 5.38 -2.30 26.61
C ILE A 37 6.54 -2.89 27.41
N GLU A 38 6.50 -2.72 28.72
CA GLU A 38 7.66 -3.17 29.51
C GLU A 38 7.86 -4.68 29.44
N PRO A 39 6.85 -5.55 29.61
CA PRO A 39 7.08 -7.00 29.43
C PRO A 39 7.51 -7.38 28.03
N ALA A 40 7.01 -6.71 26.99
CA ALA A 40 7.46 -7.01 25.63
C ALA A 40 8.94 -6.70 25.46
N LEU A 41 9.41 -5.57 26.02
CA LEU A 41 10.82 -5.25 25.91
C LEU A 41 11.65 -6.22 26.76
N ALA A 42 11.14 -6.63 27.91
CA ALA A 42 11.87 -7.61 28.71
C ALA A 42 12.01 -8.93 27.95
N LYS A 43 10.94 -9.36 27.28
CA LYS A 43 11.03 -10.59 26.50
C LYS A 43 12.00 -10.42 25.34
N TYR A 44 11.99 -9.24 24.70
CA TYR A 44 12.96 -8.98 23.64
C TYR A 44 14.40 -9.14 24.16
N ILE A 45 14.70 -8.52 25.30
CA ILE A 45 16.05 -8.63 25.87
C ILE A 45 16.38 -10.06 26.18
N GLU A 46 15.45 -10.78 26.82
CA GLU A 46 15.68 -12.19 27.16
C GLU A 46 16.02 -13.02 25.92
N GLU A 47 15.41 -12.72 24.77
CA GLU A 47 15.67 -13.51 23.56
C GLU A 47 16.94 -13.14 22.80
N GLN A 48 17.58 -12.01 23.08
CA GLN A 48 18.82 -11.70 22.36
C GLN A 48 19.95 -12.60 22.83
N PRO A 49 20.84 -12.99 21.96
CA PRO A 49 22.01 -13.78 22.37
C PRO A 49 23.15 -12.89 22.84
N TRP A 50 22.83 -11.96 23.74
CA TRP A 50 23.85 -11.14 24.33
C TRP A 50 24.45 -11.85 25.54
N SER A 51 25.62 -11.38 25.95
CA SER A 51 26.17 -11.81 27.23
C SER A 51 25.18 -11.49 28.35
N GLU A 52 25.21 -12.31 29.40
CA GLU A 52 24.31 -12.05 30.50
C GLU A 52 24.62 -10.71 31.17
N ASP A 53 25.90 -10.30 31.16
CA ASP A 53 26.26 -8.99 31.71
C ASP A 53 25.59 -7.87 30.92
N LEU A 54 25.61 -7.95 29.58
CA LEU A 54 24.93 -6.93 28.79
C LEU A 54 23.41 -6.95 29.02
N LYS A 55 22.80 -8.13 29.14
CA LYS A 55 21.36 -8.17 29.41
C LYS A 55 21.06 -7.51 30.75
N THR A 56 21.93 -7.77 31.75
CA THR A 56 21.73 -7.22 33.09
C THR A 56 21.82 -5.71 33.04
N ARG A 57 22.91 -5.22 32.48
CA ARG A 57 23.03 -3.80 32.20
C ARG A 57 21.81 -3.22 31.50
N ALA A 58 21.33 -3.91 30.46
CA ALA A 58 20.27 -3.42 29.60
C ALA A 58 18.96 -3.22 30.34
N ALA A 59 18.72 -3.92 31.44
CA ALA A 59 17.54 -3.59 32.25
C ALA A 59 17.49 -2.11 32.65
N LYS A 60 18.65 -1.55 33.01
CA LYS A 60 18.71 -0.15 33.38
C LYS A 60 18.34 0.74 32.21
N TYR A 61 18.89 0.45 31.03
CA TYR A 61 18.58 1.27 29.87
C TYR A 61 17.14 1.07 29.40
N ALA A 62 16.57 -0.11 29.65
CA ALA A 62 15.17 -0.34 29.29
C ALA A 62 14.25 0.62 30.02
N LYS A 63 14.54 0.89 31.30
CA LYS A 63 13.71 1.86 32.01
C LYS A 63 13.64 3.20 31.28
N GLN A 64 14.70 3.57 30.55
CA GLN A 64 14.71 4.82 29.79
C GLN A 64 14.04 4.65 28.44
N ALA A 65 14.13 3.46 27.87
CA ALA A 65 13.63 3.28 26.52
C ALA A 65 12.11 3.21 26.49
N VAL A 66 11.47 2.70 27.55
CA VAL A 66 10.05 2.41 27.46
C VAL A 66 9.21 3.68 27.29
N GLY A 67 9.71 4.81 27.78
CA GLY A 67 8.99 6.07 27.63
C GLY A 67 8.82 6.54 26.20
N ILE A 68 9.54 5.94 25.26
CA ILE A 68 9.40 6.41 23.89
C ILE A 68 8.03 6.04 23.33
N ALA A 69 7.36 5.03 23.89
CA ALA A 69 6.02 4.71 23.38
C ALA A 69 5.07 5.89 23.52
N SER A 70 5.30 6.75 24.52
CA SER A 70 4.41 7.90 24.72
C SER A 70 4.56 8.95 23.63
N TRP A 71 5.61 8.88 22.82
CA TRP A 71 5.78 9.79 21.70
C TRP A 71 4.77 9.51 20.58
N TYR A 72 4.18 8.32 20.55
CA TYR A 72 3.31 7.90 19.43
C TYR A 72 2.00 7.36 19.98
N PRO A 73 1.27 8.17 20.75
CA PRO A 73 0.14 7.61 21.52
C PRO A 73 -1.01 7.13 20.67
N ARG A 74 -1.21 7.67 19.46
CA ARG A 74 -2.27 7.14 18.63
C ARG A 74 -1.80 6.01 17.73
N ALA A 75 -0.54 5.64 17.78
CA ALA A 75 -0.04 4.63 16.85
C ALA A 75 -0.23 3.21 17.40
N SER A 76 -0.14 2.26 16.47
CA SER A 76 -0.26 0.84 16.78
C SER A 76 0.84 0.39 17.75
N PHE A 77 0.58 -0.74 18.39
CA PHE A 77 1.60 -1.36 19.22
C PHE A 77 2.86 -1.64 18.42
N ALA A 78 2.73 -2.04 17.14
CA ALA A 78 3.94 -2.29 16.35
C ALA A 78 4.81 -1.04 16.23
N VAL A 79 4.19 0.13 15.99
CA VAL A 79 4.99 1.35 15.92
C VAL A 79 5.62 1.64 17.27
N ARG A 80 4.82 1.64 18.33
CA ARG A 80 5.32 2.07 19.63
C ARG A 80 6.42 1.13 20.13
N PHE A 81 6.18 -0.17 20.02
CA PHE A 81 7.14 -1.15 20.49
C PHE A 81 8.42 -1.13 19.67
N ASN A 82 8.31 -1.06 18.33
CA ASN A 82 9.56 -1.03 17.58
C ASN A 82 10.36 0.24 17.86
N CYS A 83 9.69 1.38 18.09
CA CYS A 83 10.43 2.59 18.46
C CYS A 83 11.12 2.43 19.82
N VAL A 84 10.47 1.73 20.74
CA VAL A 84 11.08 1.44 22.04
C VAL A 84 12.32 0.55 21.86
N VAL A 85 12.23 -0.48 21.00
CA VAL A 85 13.35 -1.40 20.83
C VAL A 85 14.54 -0.66 20.25
N ILE A 86 14.34 0.11 19.16
CA ILE A 86 15.49 0.76 18.55
C ILE A 86 16.08 1.78 19.53
N THR A 87 15.24 2.42 20.36
CA THR A 87 15.75 3.30 21.39
C THR A 87 16.66 2.57 22.37
N LEU A 88 16.25 1.39 22.84
CA LEU A 88 17.12 0.62 23.73
C LEU A 88 18.47 0.38 23.07
N LEU A 89 18.44 -0.03 21.79
CA LEU A 89 19.70 -0.35 21.11
C LEU A 89 20.58 0.88 20.96
N VAL A 90 20.00 2.03 20.60
CA VAL A 90 20.90 3.18 20.41
C VAL A 90 21.32 3.76 21.76
N ILE A 91 20.53 3.61 22.83
CA ILE A 91 21.01 4.01 24.15
C ILE A 91 22.21 3.17 24.56
N ILE A 92 22.11 1.84 24.37
CA ILE A 92 23.24 0.98 24.64
C ILE A 92 24.46 1.42 23.84
N TYR A 93 24.27 1.70 22.55
CA TYR A 93 25.41 2.19 21.78
C TYR A 93 25.91 3.55 22.30
N ASP A 94 24.99 4.49 22.63
CA ASP A 94 25.31 5.88 23.03
C ASP A 94 26.07 5.91 24.33
N GLU A 95 25.86 4.92 25.20
CA GLU A 95 26.52 4.86 26.50
C GLU A 95 27.72 3.93 26.51
N ASP A 96 27.68 2.82 25.76
CA ASP A 96 28.69 1.77 25.88
C ASP A 96 29.39 1.45 24.55
N TYR A 97 29.49 2.39 23.59
CA TYR A 97 30.11 2.06 22.31
C TYR A 97 31.59 1.70 22.44
N LEU A 98 32.30 2.28 23.41
CA LEU A 98 33.70 1.92 23.58
C LEU A 98 33.90 0.50 24.09
N THR A 99 32.89 -0.11 24.72
CA THR A 99 33.02 -1.49 25.21
C THR A 99 32.98 -2.50 24.07
N PHE A 100 32.59 -2.09 22.88
CA PHE A 100 32.53 -2.95 21.70
C PHE A 100 33.78 -2.82 20.84
N GLY A 101 34.79 -2.10 21.32
CA GLY A 101 36.03 -1.95 20.55
C GLY A 101 35.77 -1.27 19.23
N ASP A 102 36.37 -1.80 18.16
CA ASP A 102 36.18 -1.29 16.81
C ASP A 102 35.00 -1.93 16.07
N ALA A 103 34.06 -2.60 16.78
CA ALA A 103 32.96 -3.28 16.09
C ALA A 103 32.10 -2.30 15.30
N GLY A 104 31.82 -1.14 15.91
CA GLY A 104 31.02 -0.15 15.25
C GLY A 104 31.62 0.30 13.94
N THR A 105 32.97 0.39 13.89
CA THR A 105 33.59 0.86 12.65
C THR A 105 33.33 -0.10 11.50
N GLU A 106 33.04 -1.37 11.76
CA GLU A 106 32.75 -2.27 10.62
C GLU A 106 31.27 -2.54 10.42
N PHE A 107 30.40 -1.91 11.22
CA PHE A 107 28.97 -2.20 11.13
C PHE A 107 28.40 -2.09 9.68
N SER A 108 28.64 -0.97 8.99
CA SER A 108 27.93 -0.75 7.72
C SER A 108 28.35 -1.77 6.65
N LEU A 109 29.66 -2.02 6.52
CA LEU A 109 30.09 -2.99 5.50
C LEU A 109 29.65 -4.40 5.87
N ARG A 110 29.73 -4.77 7.16
CA ARG A 110 29.26 -6.13 7.50
C ARG A 110 27.77 -6.26 7.27
N LEU A 111 27.01 -5.18 7.50
CA LEU A 111 25.58 -5.21 7.26
C LEU A 111 25.27 -5.46 5.79
N VAL A 112 25.89 -4.69 4.89
CA VAL A 112 25.53 -4.87 3.48
C VAL A 112 26.15 -6.14 2.90
N ARG A 113 27.24 -6.65 3.49
CA ARG A 113 27.80 -7.92 3.05
C ARG A 113 27.06 -9.14 3.58
N GLY A 114 26.18 -8.97 4.56
CA GLY A 114 25.59 -10.13 5.20
C GLY A 114 26.50 -10.88 6.14
N LEU A 115 27.55 -10.20 6.69
CA LEU A 115 28.50 -10.83 7.60
C LEU A 115 28.05 -10.69 9.05
N PRO A 116 28.40 -11.65 9.91
CA PRO A 116 28.14 -11.46 11.33
C PRO A 116 28.87 -10.24 11.86
N GLN A 117 28.22 -9.53 12.76
CA GLN A 117 28.82 -8.35 13.34
C GLN A 117 29.86 -8.76 14.38
N LYS A 118 30.75 -7.80 14.71
CA LYS A 118 31.81 -8.11 15.67
C LYS A 118 31.28 -8.31 17.08
N ALA A 119 30.13 -7.74 17.41
CA ALA A 119 29.50 -7.95 18.70
C ALA A 119 28.04 -8.37 18.53
N PRO A 120 27.53 -9.31 19.35
CA PRO A 120 26.10 -9.70 19.27
C PRO A 120 25.12 -8.56 19.35
N PHE A 121 25.43 -7.54 20.13
CA PHE A 121 24.53 -6.42 20.22
C PHE A 121 24.29 -5.80 18.84
N LEU A 122 25.34 -5.71 18.03
CA LEU A 122 25.21 -5.13 16.70
C LEU A 122 24.46 -6.08 15.76
N ASP A 123 24.51 -7.39 16.01
CA ASP A 123 23.64 -8.31 15.27
C ASP A 123 22.16 -7.95 15.54
N SER A 124 21.84 -7.61 16.79
CA SER A 124 20.47 -7.20 17.07
C SER A 124 20.09 -5.94 16.31
N LEU A 125 21.02 -4.98 16.23
CA LEU A 125 20.77 -3.76 15.46
C LEU A 125 20.51 -4.07 13.98
N ALA A 126 21.34 -4.93 13.40
CA ALA A 126 21.15 -5.33 12.01
C ALA A 126 19.79 -5.99 11.81
N GLN A 127 19.39 -6.87 12.73
CA GLN A 127 18.09 -7.54 12.61
C GLN A 127 16.93 -6.54 12.68
N PHE A 128 17.06 -5.52 13.55
CA PHE A 128 16.00 -4.50 13.59
C PHE A 128 15.85 -3.80 12.23
N LEU A 129 16.97 -3.37 11.66
CA LEU A 129 16.93 -2.71 10.36
C LEU A 129 16.31 -3.60 9.28
N GLN A 130 16.49 -4.91 9.39
CA GLN A 130 15.90 -5.82 8.38
C GLN A 130 14.40 -6.02 8.59
N ASN A 131 13.85 -5.56 9.72
CA ASN A 131 12.42 -5.77 9.93
C ASN A 131 11.59 -4.50 10.06
N THR A 132 12.11 -3.33 9.70
CA THR A 132 11.27 -2.13 9.80
C THR A 132 10.03 -2.13 8.88
N ASP A 133 9.91 -3.04 7.90
CA ASP A 133 8.66 -3.08 7.13
C ASP A 133 7.49 -3.56 7.98
N GLN A 134 7.74 -4.01 9.22
CA GLN A 134 6.65 -4.30 10.14
C GLN A 134 5.83 -3.06 10.48
N TYR A 135 6.44 -1.87 10.43
CA TYR A 135 5.70 -0.67 10.83
C TYR A 135 5.91 0.55 9.92
N LEU A 136 6.82 0.50 8.93
CA LEU A 136 7.09 1.62 8.04
C LEU A 136 6.96 1.19 6.59
N GLY A 137 6.71 2.18 5.71
CA GLY A 137 6.80 1.95 4.28
C GLY A 137 8.23 1.99 3.78
N PRO A 138 8.40 1.81 2.46
CA PRO A 138 9.76 1.66 1.91
C PRO A 138 10.66 2.87 2.10
N TYR A 139 10.09 4.08 1.97
CA TYR A 139 10.88 5.29 2.20
C TYR A 139 11.29 5.38 3.66
N GLY A 140 10.35 5.16 4.59
CA GLY A 140 10.70 5.19 5.99
C GLY A 140 11.72 4.13 6.36
N SER A 141 11.55 2.90 5.83
CA SER A 141 12.54 1.85 6.11
C SER A 141 13.94 2.27 5.66
N SER A 142 14.04 2.84 4.44
CA SER A 142 15.37 3.26 3.96
C SER A 142 15.95 4.34 4.86
N MET A 143 15.11 5.29 5.28
CA MET A 143 15.61 6.35 6.12
C MET A 143 16.09 5.81 7.47
N VAL A 144 15.37 4.82 8.04
CA VAL A 144 15.87 4.26 9.31
C VAL A 144 17.22 3.60 9.11
N ILE A 145 17.40 2.89 7.99
CA ILE A 145 18.71 2.28 7.73
C ILE A 145 19.79 3.34 7.59
N LYS A 146 19.54 4.34 6.72
CA LYS A 146 20.60 5.31 6.45
C LYS A 146 20.93 6.12 7.70
N THR A 147 19.91 6.43 8.53
CA THR A 147 20.10 7.19 9.77
C THR A 147 20.90 6.37 10.78
N THR A 148 20.66 5.05 10.84
CA THR A 148 21.44 4.22 11.76
C THR A 148 22.90 4.18 11.33
N LEU A 149 23.19 4.08 10.03
CA LEU A 149 24.59 4.12 9.61
C LEU A 149 25.25 5.43 10.02
N GLU A 150 24.54 6.55 9.80
CA GLU A 150 25.09 7.85 10.21
C GLU A 150 25.30 7.91 11.72
N PHE A 151 24.34 7.41 12.51
CA PHE A 151 24.46 7.46 13.96
C PHE A 151 25.63 6.64 14.47
N VAL A 152 25.83 5.44 13.95
CA VAL A 152 26.93 4.62 14.42
C VAL A 152 28.25 5.35 14.14
N GLU A 153 28.35 5.96 12.96
CA GLU A 153 29.63 6.58 12.62
C GLU A 153 29.83 7.94 13.30
N GLY A 154 28.75 8.71 13.45
CA GLY A 154 28.85 9.98 14.18
C GLY A 154 29.21 9.75 15.63
N THR A 155 28.65 8.71 16.25
CA THR A 155 29.04 8.36 17.59
C THR A 155 30.51 7.98 17.67
N ASN A 156 30.99 7.18 16.70
CA ASN A 156 32.41 6.80 16.76
C ASN A 156 33.36 7.97 16.61
N VAL A 157 32.98 9.01 15.85
CA VAL A 157 33.93 10.09 15.56
C VAL A 157 33.72 11.36 16.38
N GLU A 158 32.56 11.53 17.02
CA GLU A 158 32.24 12.69 17.88
C GLU A 158 33.41 13.20 18.70
N ASN A 159 34.04 12.31 19.47
CA ASN A 159 35.02 12.74 20.45
C ASN A 159 36.39 13.02 19.85
N ASP A 160 36.58 12.72 18.56
CA ASP A 160 37.77 13.17 17.83
C ASP A 160 37.87 14.67 17.84
N PHE A 161 36.76 15.36 18.06
CA PHE A 161 36.74 16.80 17.94
C PHE A 161 36.90 17.53 19.28
N SER A 162 37.16 16.80 20.37
CA SER A 162 37.39 17.46 21.66
C SER A 162 38.62 18.35 21.56
N GLU A 163 38.44 19.64 21.87
CA GLU A 163 39.49 20.65 21.72
C GLU A 163 40.08 20.64 20.32
N ALA A 164 39.24 20.31 19.34
CA ALA A 164 39.68 20.21 17.95
C ALA A 164 38.65 20.75 16.95
N VAL A 165 37.63 21.46 17.40
CA VAL A 165 36.65 22.00 16.45
C VAL A 165 37.23 23.26 15.84
N PRO A 166 37.43 23.33 14.52
CA PRO A 166 38.14 24.48 13.93
C PRO A 166 37.25 25.72 13.86
N PRO A 167 37.82 26.89 14.13
CA PRO A 167 36.98 28.10 14.27
C PRO A 167 36.21 28.51 13.01
N ASP A 168 36.72 28.27 11.80
CA ASP A 168 36.03 28.82 10.64
C ASP A 168 34.94 27.92 10.06
N ALA A 169 34.67 26.78 10.68
CA ALA A 169 33.78 25.78 10.09
C ALA A 169 32.38 25.99 10.65
N LEU A 170 31.68 27.02 10.15
CA LEU A 170 30.42 27.42 10.75
C LEU A 170 29.29 26.40 10.51
N ARG A 171 29.36 25.63 9.43
CA ARG A 171 28.35 24.62 9.16
C ARG A 171 28.64 23.28 9.82
N PHE A 172 29.83 23.09 10.38
CA PHE A 172 30.21 21.77 10.91
C PHE A 172 29.38 21.33 12.11
N PRO A 173 29.11 22.19 13.10
CA PRO A 173 28.27 21.72 14.23
C PRO A 173 26.93 21.14 13.77
N ARG A 174 26.26 21.77 12.80
CA ARG A 174 25.00 21.20 12.37
C ARG A 174 25.22 19.88 11.63
N TYR A 175 26.28 19.78 10.84
CA TYR A 175 26.55 18.54 10.11
C TYR A 175 26.76 17.38 11.08
N LEU A 176 27.56 17.62 12.12
CA LEU A 176 27.84 16.56 13.09
C LEU A 176 26.57 16.21 13.87
N ARG A 177 25.74 17.21 14.18
CA ARG A 177 24.52 16.94 14.91
C ARG A 177 23.54 16.13 14.06
N VAL A 178 23.47 16.39 12.75
CA VAL A 178 22.63 15.51 11.94
C VAL A 178 23.11 14.08 12.09
N LYS A 179 24.43 13.87 12.02
CA LYS A 179 24.94 12.49 12.09
C LYS A 179 24.65 11.83 13.44
N THR A 180 24.82 12.56 14.55
CA THR A 180 24.67 11.94 15.86
C THR A 180 23.23 11.91 16.39
N GLY A 181 22.33 12.71 15.84
CA GLY A 181 21.03 12.89 16.48
C GLY A 181 20.01 11.80 16.24
N PHE A 182 20.18 10.99 15.20
CA PHE A 182 19.26 9.87 14.94
C PHE A 182 17.83 10.36 14.67
N ALA A 183 17.66 11.59 14.19
CA ALA A 183 16.31 12.17 14.23
C ALA A 183 15.35 11.53 13.22
N GLU A 184 15.81 11.22 12.00
CA GLU A 184 14.88 10.75 10.98
C GLU A 184 14.18 9.47 11.40
N THR A 185 14.87 8.61 12.16
CA THR A 185 14.21 7.39 12.63
C THR A 185 12.95 7.70 13.41
N TYR A 186 13.03 8.65 14.35
CA TYR A 186 11.86 8.97 15.13
C TYR A 186 10.86 9.80 14.33
N ALA A 187 11.34 10.63 13.40
CA ALA A 187 10.40 11.51 12.71
C ALA A 187 9.50 10.70 11.78
N HIS A 188 10.05 9.67 11.13
CA HIS A 188 9.24 8.88 10.22
C HIS A 188 8.17 8.08 10.95
N ALA A 189 8.39 7.77 12.23
CA ALA A 189 7.36 7.03 12.98
C ALA A 189 6.20 7.93 13.41
N ILE A 190 6.36 9.25 13.33
CA ILE A 190 5.25 10.13 13.61
C ILE A 190 4.12 9.90 12.63
N PHE A 191 4.45 9.46 11.40
CA PHE A 191 3.50 9.25 10.31
C PHE A 191 3.51 7.78 9.90
N PRO A 192 2.91 6.90 10.71
CA PRO A 192 3.11 5.46 10.49
C PRO A 192 2.37 5.00 9.24
N ASN A 193 2.91 3.94 8.63
CA ASN A 193 2.47 3.54 7.31
C ASN A 193 1.05 2.98 7.31
N ASP A 194 0.56 2.42 8.44
CA ASP A 194 -0.82 1.93 8.42
C ASP A 194 -1.85 3.06 8.47
N THR A 195 -1.63 4.06 9.32
CA THR A 195 -2.53 5.22 9.37
C THR A 195 -2.37 6.09 8.12
N PHE A 196 -1.13 6.24 7.64
CA PHE A 196 -0.81 7.18 6.57
C PHE A 196 0.00 6.44 5.52
N PRO A 197 -0.66 5.61 4.70
CA PRO A 197 0.08 4.85 3.68
C PRO A 197 0.94 5.80 2.87
N GLU A 198 2.20 5.39 2.67
CA GLU A 198 3.20 6.31 2.13
C GLU A 198 2.81 6.84 0.78
N HIS A 199 2.29 6.00 -0.10
CA HIS A 199 2.04 6.53 -1.43
C HIS A 199 1.07 7.70 -1.42
N LYS A 200 0.08 7.68 -0.54
CA LYS A 200 -0.86 8.79 -0.48
C LYS A 200 -0.36 9.94 0.38
N TYR A 201 0.34 9.67 1.48
CA TYR A 201 0.62 10.74 2.44
C TYR A 201 2.05 11.30 2.38
N ARG A 202 3.01 10.59 1.79
CA ARG A 202 4.39 11.08 1.87
C ARG A 202 4.54 12.43 1.18
N LYS A 203 3.80 12.67 0.09
CA LYS A 203 3.89 13.99 -0.51
C LYS A 203 3.39 15.08 0.43
N LEU A 204 2.56 14.71 1.41
CA LEU A 204 2.02 15.72 2.33
C LEU A 204 2.95 15.96 3.51
N TYR A 205 3.55 14.91 4.07
CA TYR A 205 4.35 15.12 5.26
C TYR A 205 5.84 15.24 4.99
N LEU A 206 6.37 14.75 3.87
CA LEU A 206 7.81 14.93 3.61
C LEU A 206 8.26 16.39 3.67
N PRO A 207 7.49 17.37 3.21
CA PRO A 207 7.94 18.77 3.36
C PRO A 207 8.12 19.22 4.80
N ALA A 208 7.56 18.50 5.78
CA ALA A 208 7.79 18.80 7.18
C ALA A 208 8.97 18.05 7.80
N LEU A 209 9.59 17.10 7.10
CA LEU A 209 10.65 16.31 7.72
C LEU A 209 11.85 17.15 8.15
N SER A 210 12.30 18.08 7.29
CA SER A 210 13.50 18.83 7.65
C SER A 210 13.31 19.65 8.94
N PRO A 211 12.27 20.49 9.06
CA PRO A 211 12.08 21.20 10.34
C PRO A 211 11.82 20.24 11.49
N LEU A 212 11.12 19.12 11.27
CA LEU A 212 10.92 18.18 12.36
C LEU A 212 12.24 17.62 12.87
N CYS A 213 13.16 17.25 11.96
CA CYS A 213 14.44 16.75 12.44
C CYS A 213 15.22 17.82 13.21
N ASP A 214 15.13 19.06 12.75
CA ASP A 214 15.73 20.16 13.51
C ASP A 214 15.14 20.23 14.92
N ILE A 215 13.81 20.16 15.02
CA ILE A 215 13.18 20.21 16.34
C ILE A 215 13.65 19.06 17.22
N ILE A 216 13.73 17.86 16.66
CA ILE A 216 14.13 16.71 17.50
C ILE A 216 15.56 16.88 18.00
N ASP A 217 16.49 17.16 17.07
CA ASP A 217 17.90 17.34 17.45
C ASP A 217 18.05 18.47 18.46
N PHE A 218 17.52 19.66 18.11
CA PHE A 218 17.79 20.87 18.89
C PHE A 218 17.06 20.85 20.22
N THR A 219 15.87 20.26 20.28
CA THR A 219 15.15 20.23 21.54
C THR A 219 15.86 19.32 22.53
N ASN A 220 16.43 18.23 22.05
CA ASN A 220 17.31 17.48 22.95
C ASN A 220 18.52 18.31 23.34
N ASP A 221 19.13 19.04 22.39
CA ASP A 221 20.28 19.87 22.79
C ASP A 221 19.91 20.84 23.92
N ILE A 222 18.74 21.48 23.81
CA ILE A 222 18.33 22.43 24.84
C ILE A 222 18.12 21.73 26.17
N LEU A 223 17.38 20.62 26.16
CA LEU A 223 16.92 19.99 27.39
C LEU A 223 17.96 19.06 28.01
N SER A 224 18.94 18.63 27.22
CA SER A 224 20.01 17.81 27.77
C SER A 224 21.26 18.65 28.02
N PHE A 225 21.23 19.96 27.75
CA PHE A 225 22.41 20.75 28.07
C PHE A 225 22.79 20.65 29.55
N TYR A 226 21.81 20.54 30.44
CA TYR A 226 22.14 20.44 31.86
C TYR A 226 22.96 19.17 32.15
N LYS A 227 22.48 18.01 31.71
CA LYS A 227 23.18 16.78 32.06
C LYS A 227 24.50 16.65 31.31
N GLU A 228 24.59 17.24 30.12
CA GLU A 228 25.82 17.10 29.35
C GLU A 228 26.89 18.06 29.84
N THR A 229 26.55 19.33 29.99
CA THR A 229 27.58 20.36 30.10
C THR A 229 27.59 21.09 31.45
N ILE A 230 26.45 21.28 32.09
CA ILE A 230 26.42 21.92 33.41
C ILE A 230 26.73 20.91 34.51
N ARG A 231 25.94 19.85 34.57
CA ARG A 231 26.17 18.80 35.55
C ARG A 231 27.30 17.88 35.10
N GLY A 232 27.50 17.68 33.79
CA GLY A 232 28.49 16.78 33.27
C GLY A 232 29.66 17.48 32.59
N THR A 233 30.44 16.69 31.84
CA THR A 233 31.71 17.15 31.28
C THR A 233 31.74 17.12 29.75
N GLU A 234 30.61 16.89 29.09
CA GLU A 234 30.55 16.86 27.62
C GLU A 234 30.75 18.26 27.06
N ARG A 235 31.76 18.42 26.20
CA ARG A 235 32.04 19.70 25.54
C ARG A 235 32.13 19.58 24.02
N ILE A 236 31.66 18.47 23.46
CA ILE A 236 31.63 18.28 22.01
C ILE A 236 30.22 18.14 21.50
N ASN A 237 29.25 18.57 22.30
CA ASN A 237 27.89 18.56 21.80
C ASN A 237 27.66 19.76 20.88
N TYR A 238 26.46 19.80 20.30
CA TYR A 238 26.11 20.82 19.32
C TYR A 238 26.30 22.23 19.88
N ILE A 239 25.76 22.49 21.07
CA ILE A 239 25.83 23.84 21.64
C ILE A 239 27.29 24.26 21.84
N CYS A 240 28.11 23.38 22.43
CA CYS A 240 29.50 23.73 22.62
C CYS A 240 30.23 23.89 21.28
N ASN A 241 29.92 23.02 20.31
CA ASN A 241 30.55 23.13 19.00
C ASN A 241 30.25 24.47 18.35
N VAL A 242 29.00 24.93 18.43
CA VAL A 242 28.62 26.25 17.92
C VAL A 242 29.39 27.32 18.66
N ALA A 243 29.46 27.21 19.99
CA ALA A 243 30.19 28.21 20.78
C ALA A 243 31.66 28.25 20.38
N ASN A 244 32.24 27.08 20.07
CA ASN A 244 33.66 27.00 19.71
C ASN A 244 33.93 27.47 18.29
N THR A 245 32.95 27.37 17.38
CA THR A 245 33.14 27.96 16.05
C THR A 245 32.75 29.42 15.97
N THR A 246 31.92 29.93 16.88
CA THR A 246 31.50 31.31 16.80
C THR A 246 32.21 32.24 17.77
N GLY A 247 33.00 31.68 18.71
CA GLY A 247 33.59 32.45 19.79
C GLY A 247 32.61 32.99 20.82
N SER A 248 31.37 32.55 20.79
CA SER A 248 30.31 33.01 21.68
C SER A 248 30.23 32.17 22.95
N SER A 249 29.53 32.69 23.95
CA SER A 249 29.32 31.94 25.18
C SER A 249 28.39 30.76 24.93
N ALA A 250 28.47 29.75 25.78
CA ALA A 250 27.48 28.68 25.70
C ALA A 250 26.08 29.25 25.91
N LEU A 251 25.92 30.22 26.82
CA LEU A 251 24.60 30.78 27.07
C LEU A 251 23.99 31.39 25.82
N ARG A 252 24.77 32.21 25.09
CA ARG A 252 24.27 32.77 23.83
C ARG A 252 23.84 31.68 22.86
N CYS A 253 24.65 30.63 22.72
CA CYS A 253 24.33 29.61 21.72
C CYS A 253 23.11 28.81 22.15
N LEU A 254 22.95 28.58 23.45
CA LEU A 254 21.74 27.97 23.97
C LEU A 254 20.51 28.80 23.63
N GLN A 255 20.59 30.12 23.86
CA GLN A 255 19.47 31.01 23.52
C GLN A 255 19.17 30.97 22.02
N GLU A 256 20.20 30.94 21.19
CA GLU A 256 19.98 30.91 19.74
C GLU A 256 19.32 29.61 19.32
N THR A 257 19.70 28.50 19.95
CA THR A 257 19.09 27.21 19.63
C THR A 257 17.63 27.18 20.05
N VAL A 258 17.31 27.79 21.21
CA VAL A 258 15.92 27.90 21.62
C VAL A 258 15.14 28.69 20.57
N ASP A 259 15.70 29.82 20.13
CA ASP A 259 15.02 30.67 19.16
C ASP A 259 14.78 29.91 17.84
N ALA A 260 15.79 29.12 17.43
CA ALA A 260 15.66 28.28 16.24
C ALA A 260 14.52 27.28 16.37
N VAL A 261 14.41 26.65 17.53
CA VAL A 261 13.34 25.67 17.69
C VAL A 261 11.98 26.35 17.64
N GLU A 262 11.84 27.50 18.33
CA GLU A 262 10.55 28.18 18.29
C GLU A 262 10.15 28.48 16.85
N SER A 263 11.13 28.84 16.01
CA SER A 263 10.82 29.16 14.63
C SER A 263 10.41 27.89 13.86
N ARG A 264 11.10 26.78 14.11
CA ARG A 264 10.71 25.55 13.40
C ARG A 264 9.31 25.11 13.81
N VAL A 265 8.94 25.32 15.08
CA VAL A 265 7.61 24.89 15.52
C VAL A 265 6.55 25.64 14.73
N LEU A 266 6.73 26.96 14.59
CA LEU A 266 5.81 27.72 13.74
C LEU A 266 5.78 27.15 12.31
N GLU A 267 6.95 26.72 11.80
CA GLU A 267 7.02 26.24 10.43
C GLU A 267 6.24 24.94 10.24
N ILE A 268 6.39 23.99 11.18
CA ILE A 268 5.66 22.73 11.10
C ILE A 268 4.17 22.97 11.19
N HIS A 269 3.75 23.87 12.08
CA HIS A 269 2.34 24.14 12.19
C HIS A 269 1.81 24.73 10.89
N ARG A 270 2.61 25.56 10.20
CA ARG A 270 2.14 26.10 8.92
C ARG A 270 2.03 24.99 7.86
N ILE A 271 3.03 24.10 7.79
CA ILE A 271 3.12 23.11 6.71
C ILE A 271 2.02 22.04 6.85
N LEU A 272 1.75 21.61 8.08
CA LEU A 272 0.80 20.52 8.28
C LEU A 272 -0.60 21.01 8.63
N ALA A 273 -0.82 22.31 8.73
CA ALA A 273 -2.16 22.83 8.99
C ALA A 273 -3.25 22.28 8.07
N PRO A 274 -3.04 22.09 6.76
CA PRO A 274 -4.13 21.57 5.92
C PRO A 274 -4.46 20.10 6.17
N TYR A 275 -3.68 19.40 6.98
CA TYR A 275 -3.77 17.96 7.18
C TYR A 275 -3.92 17.67 8.67
N PRO A 276 -5.14 17.79 9.20
CA PRO A 276 -5.30 17.79 10.66
C PRO A 276 -4.83 16.53 11.37
N ASP A 277 -4.94 15.35 10.73
CA ASP A 277 -4.47 14.11 11.39
C ASP A 277 -2.94 14.06 11.44
N LEU A 278 -2.28 14.46 10.34
CA LEU A 278 -0.81 14.54 10.36
C LEU A 278 -0.36 15.52 11.44
N LEU A 279 -1.04 16.66 11.50
CA LEU A 279 -0.71 17.68 12.48
C LEU A 279 -0.93 17.16 13.91
N ALA A 280 -2.00 16.40 14.12
CA ALA A 280 -2.24 15.87 15.47
C ALA A 280 -1.15 14.90 15.90
N HIS A 281 -0.68 14.02 15.00
CA HIS A 281 0.40 13.14 15.38
C HIS A 281 1.66 13.92 15.69
N CYS A 282 1.92 14.98 14.92
N CYS A 282 1.90 14.98 14.92
CA CYS A 282 3.07 15.84 15.17
CA CYS A 282 3.07 15.81 15.16
C CYS A 282 2.99 16.50 16.54
C CYS A 282 3.01 16.52 16.52
N ASN A 283 1.84 17.10 16.86
CA ASN A 283 1.70 17.77 18.15
C ASN A 283 1.80 16.81 19.33
N ASP A 284 1.18 15.62 19.20
CA ASP A 284 1.33 14.60 20.25
C ASP A 284 2.81 14.27 20.44
N TYR A 285 3.54 14.08 19.33
CA TYR A 285 4.95 13.77 19.42
C TYR A 285 5.71 14.86 20.18
N LEU A 286 5.55 16.11 19.77
CA LEU A 286 6.36 17.16 20.41
C LEU A 286 6.05 17.28 21.90
N ALA A 287 4.77 17.25 22.28
CA ALA A 287 4.47 17.41 23.70
C ALA A 287 5.06 16.25 24.49
N ALA A 288 4.94 15.02 23.97
CA ALA A 288 5.51 13.90 24.71
C ALA A 288 7.04 13.87 24.65
N TYR A 289 7.64 14.37 23.58
CA TYR A 289 9.11 14.42 23.45
C TYR A 289 9.71 15.32 24.53
N ILE A 290 9.12 16.50 24.69
CA ILE A 290 9.58 17.41 25.74
C ILE A 290 9.27 16.81 27.11
N GLY A 291 8.04 16.32 27.28
CA GLY A 291 7.66 15.71 28.55
C GLY A 291 8.59 14.57 28.96
N TYR A 292 9.00 13.75 27.98
CA TYR A 292 9.93 12.65 28.24
C TYR A 292 11.23 13.16 28.81
N HIS A 293 11.77 14.26 28.25
CA HIS A 293 13.00 14.82 28.82
C HIS A 293 12.81 15.26 30.27
N ILE A 294 11.65 15.86 30.59
CA ILE A 294 11.39 16.31 31.96
C ILE A 294 11.22 15.13 32.93
N ARG A 295 10.47 14.11 32.53
CA ARG A 295 10.17 13.00 33.43
C ARG A 295 11.32 12.01 33.58
N THR A 296 12.18 11.89 32.58
CA THR A 296 13.22 10.87 32.63
C THR A 296 14.41 11.45 33.38
N THR A 297 14.18 11.62 34.70
CA THR A 297 15.15 12.28 35.54
C THR A 297 16.44 11.49 35.67
N SER A 298 16.38 10.16 35.49
CA SER A 298 17.59 9.35 35.54
C SER A 298 18.51 9.62 34.37
N ARG A 299 18.03 10.24 33.31
CA ARG A 299 18.88 10.56 32.17
C ARG A 299 19.19 12.05 32.04
N TYR A 300 18.22 12.95 32.33
CA TYR A 300 18.40 14.39 32.13
C TYR A 300 18.42 15.21 33.41
N PHE A 301 18.00 14.63 34.53
CA PHE A 301 18.15 15.25 35.86
C PHE A 301 17.48 16.63 35.94
N LEU A 302 16.40 16.84 35.19
CA LEU A 302 15.82 18.17 35.17
C LEU A 302 14.99 18.48 36.42
N ASP A 303 14.78 17.51 37.30
CA ASP A 303 14.19 17.87 38.58
C ASP A 303 15.17 18.65 39.45
N GLU A 304 16.43 18.77 39.04
CA GLU A 304 17.39 19.63 39.73
C GLU A 304 17.31 21.08 39.28
N VAL A 305 16.52 21.40 38.26
CA VAL A 305 16.40 22.73 37.68
C VAL A 305 15.04 23.35 38.01
N ARG A 306 15.01 24.64 38.33
CA ARG A 306 13.76 25.36 38.52
C ARG A 306 13.30 25.99 37.20
N PHE A 307 12.17 25.54 36.68
CA PHE A 307 11.58 26.19 35.50
C PHE A 307 10.05 26.26 35.59
N ASP B 3 4.83 30.87 -17.66
CA ASP B 3 4.92 31.67 -16.45
C ASP B 3 6.26 32.42 -16.43
N VAL B 4 6.18 33.75 -16.41
CA VAL B 4 7.37 34.60 -16.48
C VAL B 4 8.32 34.34 -15.32
N ARG B 5 7.81 33.85 -14.19
CA ARG B 5 8.63 33.70 -12.99
C ARG B 5 9.82 32.77 -13.21
N PHE B 6 9.73 31.84 -14.15
CA PHE B 6 10.77 30.84 -14.37
C PHE B 6 11.59 31.09 -15.62
N MET B 7 11.32 32.20 -16.31
CA MET B 7 11.95 32.50 -17.59
C MET B 7 13.33 33.11 -17.34
N VAL B 8 14.36 32.51 -17.93
CA VAL B 8 15.70 33.08 -17.95
C VAL B 8 16.19 33.07 -19.39
N SER B 9 16.63 34.22 -19.90
CA SER B 9 17.03 34.25 -21.30
C SER B 9 18.41 33.63 -21.46
N LEU B 10 18.72 33.26 -22.73
CA LEU B 10 20.03 32.69 -23.01
C LEU B 10 21.15 33.70 -22.74
N SER B 11 20.90 34.97 -23.08
CA SER B 11 21.86 36.03 -22.80
C SER B 11 22.09 36.20 -21.31
N GLU B 12 21.00 36.21 -20.53
CA GLU B 12 21.10 36.35 -19.08
C GLU B 12 21.86 35.19 -18.47
N TYR B 13 21.56 33.95 -18.93
CA TYR B 13 22.18 32.75 -18.37
C TYR B 13 23.67 32.72 -18.66
N GLY B 14 24.04 33.03 -19.89
CA GLY B 14 25.45 33.09 -20.21
C GLY B 14 26.17 34.14 -19.38
N ALA B 15 25.54 35.31 -19.18
CA ALA B 15 26.17 36.35 -18.36
C ALA B 15 26.34 35.89 -16.92
N ILE B 16 25.36 35.15 -16.41
CA ILE B 16 25.46 34.60 -15.04
C ILE B 16 26.65 33.66 -14.92
N LEU B 17 26.79 32.74 -15.89
CA LEU B 17 27.94 31.85 -15.88
C LEU B 17 29.26 32.62 -16.00
N SER B 18 29.34 33.61 -16.89
CA SER B 18 30.60 34.37 -17.01
C SER B 18 30.97 35.05 -15.71
N ARG B 19 29.99 35.68 -15.05
CA ARG B 19 30.26 36.35 -13.77
C ARG B 19 30.67 35.35 -12.69
N PHE B 20 30.00 34.18 -12.67
CA PHE B 20 30.29 33.14 -11.68
C PHE B 20 31.72 32.65 -11.83
N PHE B 21 32.13 32.36 -13.07
CA PHE B 21 33.45 31.86 -13.34
C PHE B 21 34.50 32.89 -13.00
N GLU B 22 34.25 34.16 -13.34
CA GLU B 22 35.27 35.14 -13.01
C GLU B 22 35.34 35.36 -11.49
N LYS B 23 34.23 35.23 -10.75
CA LYS B 23 34.28 35.42 -9.29
C LYS B 23 34.93 34.28 -8.53
N ILE B 24 35.05 33.09 -9.09
CA ILE B 24 35.76 32.01 -8.41
C ILE B 24 37.12 31.73 -9.05
N ASP B 25 37.52 32.53 -10.03
CA ASP B 25 38.78 32.31 -10.75
C ASP B 25 38.85 30.92 -11.39
N PHE B 26 37.82 30.58 -12.16
CA PHE B 26 37.77 29.30 -12.85
C PHE B 26 38.54 29.37 -14.17
N HIS B 27 39.38 28.37 -14.40
CA HIS B 27 40.02 28.13 -15.69
C HIS B 27 39.83 26.68 -16.06
N LEU B 28 39.31 26.44 -17.27
CA LEU B 28 39.04 25.09 -17.75
C LEU B 28 40.32 24.27 -17.66
N PRO B 29 40.35 23.24 -16.82
CA PRO B 29 41.57 22.46 -16.65
C PRO B 29 42.05 21.92 -17.98
N LYS B 30 43.36 21.73 -18.07
CA LYS B 30 43.91 21.12 -19.27
C LYS B 30 43.35 19.70 -19.39
N PRO B 31 42.96 19.27 -20.59
CA PRO B 31 42.15 18.06 -20.71
C PRO B 31 42.77 16.86 -20.02
N TYR B 32 41.94 16.14 -19.27
CA TYR B 32 42.37 14.98 -18.50
C TYR B 32 42.13 13.70 -19.31
N TYR B 33 43.10 12.80 -19.25
CA TYR B 33 42.97 11.52 -19.95
C TYR B 33 43.79 10.45 -19.23
N ASP B 34 43.13 9.33 -18.91
CA ASP B 34 43.78 8.10 -18.47
C ASP B 34 43.31 7.01 -19.42
N SER B 35 44.24 6.45 -20.22
CA SER B 35 43.82 5.47 -21.23
C SER B 35 43.29 4.19 -20.60
N SER B 36 43.52 3.96 -19.30
CA SER B 36 43.01 2.76 -18.64
C SER B 36 41.52 2.81 -18.33
N ILE B 37 40.93 4.02 -18.20
CA ILE B 37 39.59 4.11 -17.61
C ILE B 37 38.51 3.54 -18.55
N GLU B 38 38.49 3.99 -19.81
CA GLU B 38 37.46 3.51 -20.74
C GLU B 38 37.52 2.00 -20.96
N PRO B 39 38.67 1.38 -21.24
CA PRO B 39 38.71 -0.10 -21.35
C PRO B 39 38.24 -0.79 -20.09
N ALA B 40 38.61 -0.25 -18.93
CA ALA B 40 38.21 -0.88 -17.68
C ALA B 40 36.70 -0.85 -17.50
N LEU B 41 36.05 0.28 -17.86
CA LEU B 41 34.60 0.35 -17.75
C LEU B 41 33.91 -0.54 -18.78
N ALA B 42 34.46 -0.62 -20.00
CA ALA B 42 33.92 -1.56 -20.98
C ALA B 42 33.98 -2.99 -20.46
N LYS B 43 35.11 -3.34 -19.82
CA LYS B 43 35.26 -4.68 -19.24
C LYS B 43 34.28 -4.90 -18.10
N TYR B 44 34.09 -3.89 -17.24
CA TYR B 44 33.12 -3.99 -16.16
C TYR B 44 31.73 -4.27 -16.73
N ILE B 45 31.31 -3.47 -17.72
CA ILE B 45 30.00 -3.67 -18.33
C ILE B 45 29.88 -5.06 -18.91
N GLU B 46 30.91 -5.51 -19.62
CA GLU B 46 30.83 -6.82 -20.25
C GLU B 46 30.71 -7.93 -19.22
N GLU B 47 31.32 -7.77 -18.03
CA GLU B 47 31.27 -8.75 -16.95
C GLU B 47 29.94 -8.79 -16.19
N GLN B 48 29.09 -7.76 -16.28
CA GLN B 48 27.85 -7.80 -15.53
C GLN B 48 26.84 -8.77 -16.17
N PRO B 49 26.04 -9.48 -15.35
CA PRO B 49 24.97 -10.34 -15.91
C PRO B 49 23.73 -9.54 -16.31
N TRP B 50 23.93 -8.56 -17.18
CA TRP B 50 22.85 -7.71 -17.64
C TRP B 50 22.32 -8.18 -18.99
N SER B 51 21.15 -7.67 -19.36
CA SER B 51 20.59 -7.92 -20.68
C SER B 51 21.45 -7.23 -21.74
N GLU B 52 21.49 -7.82 -22.95
CA GLU B 52 22.21 -7.20 -24.05
C GLU B 52 21.66 -5.79 -24.32
N ASP B 53 20.36 -5.60 -24.13
CA ASP B 53 19.80 -4.26 -24.30
C ASP B 53 20.39 -3.30 -23.29
N LEU B 54 20.48 -3.71 -22.03
CA LEU B 54 21.04 -2.83 -21.01
C LEU B 54 22.50 -2.52 -21.30
N LYS B 55 23.27 -3.52 -21.73
CA LYS B 55 24.67 -3.27 -22.07
C LYS B 55 24.81 -2.28 -23.22
N THR B 56 23.94 -2.41 -24.22
CA THR B 56 23.93 -1.44 -25.31
C THR B 56 23.64 -0.02 -24.79
N ARG B 57 22.60 0.14 -23.96
CA ARG B 57 22.30 1.46 -23.39
C ARG B 57 23.45 1.98 -22.51
N ALA B 58 24.12 1.06 -21.83
CA ALA B 58 25.16 1.50 -20.92
C ALA B 58 26.37 2.01 -21.69
N ALA B 59 26.53 1.60 -22.96
CA ALA B 59 27.59 2.21 -23.76
C ALA B 59 27.40 3.73 -23.88
N LYS B 60 26.14 4.18 -24.00
CA LYS B 60 25.88 5.60 -24.07
C LYS B 60 26.11 6.26 -22.72
N TYR B 61 25.60 5.65 -21.66
CA TYR B 61 25.82 6.26 -20.34
C TYR B 61 27.30 6.27 -19.94
N ALA B 62 28.07 5.29 -20.40
CA ALA B 62 29.48 5.22 -20.01
C ALA B 62 30.25 6.45 -20.47
N LYS B 63 29.90 6.98 -21.64
CA LYS B 63 30.61 8.15 -22.15
C LYS B 63 30.39 9.37 -21.27
N GLN B 64 29.24 9.47 -20.61
CA GLN B 64 29.07 10.51 -19.60
C GLN B 64 29.78 10.16 -18.30
N ALA B 65 29.90 8.86 -17.99
CA ALA B 65 30.48 8.50 -16.70
C ALA B 65 32.00 8.63 -16.67
N VAL B 66 32.68 8.38 -17.79
CA VAL B 66 34.14 8.26 -17.71
C VAL B 66 34.78 9.59 -17.32
N GLY B 67 34.15 10.74 -17.63
CA GLY B 67 34.71 12.03 -17.26
C GLY B 67 34.86 12.25 -15.77
N ILE B 68 34.17 11.46 -14.95
CA ILE B 68 34.28 11.58 -13.49
C ILE B 68 35.70 11.32 -13.02
N ALA B 69 36.48 10.55 -13.78
CA ALA B 69 37.84 10.28 -13.30
C ALA B 69 38.66 11.57 -13.21
N SER B 70 38.36 12.55 -14.06
CA SER B 70 39.07 13.83 -14.07
C SER B 70 38.83 14.66 -12.81
N TRP B 71 37.79 14.33 -12.02
CA TRP B 71 37.53 15.03 -10.75
C TRP B 71 38.57 14.70 -9.70
N TYR B 72 39.32 13.60 -9.86
CA TYR B 72 40.25 13.11 -8.84
C TYR B 72 41.62 12.90 -9.47
N PRO B 73 42.18 13.93 -10.12
CA PRO B 73 43.34 13.72 -11.01
C PRO B 73 44.56 13.21 -10.29
N ARG B 74 44.70 13.49 -9.00
CA ARG B 74 45.83 13.05 -8.19
C ARG B 74 45.53 11.80 -7.39
N ALA B 75 44.39 11.16 -7.62
CA ALA B 75 44.00 9.99 -6.85
C ALA B 75 44.38 8.73 -7.60
N SER B 76 44.42 7.62 -6.87
CA SER B 76 44.76 6.34 -7.47
C SER B 76 43.70 5.90 -8.47
N PHE B 77 44.06 4.89 -9.27
CA PHE B 77 43.09 4.29 -10.18
C PHE B 77 41.91 3.70 -9.44
N ALA B 78 42.15 3.08 -8.27
CA ALA B 78 41.01 2.56 -7.52
C ALA B 78 40.00 3.66 -7.21
N VAL B 79 40.47 4.84 -6.83
CA VAL B 79 39.52 5.91 -6.53
C VAL B 79 38.80 6.34 -7.81
N ARG B 80 39.56 6.61 -8.87
CA ARG B 80 38.97 7.14 -10.10
C ARG B 80 38.02 6.14 -10.75
N PHE B 81 38.47 4.88 -10.89
CA PHE B 81 37.62 3.89 -11.54
C PHE B 81 36.37 3.63 -10.72
N ASN B 82 36.48 3.48 -9.38
CA ASN B 82 35.27 3.24 -8.62
C ASN B 82 34.29 4.41 -8.74
N CYS B 83 34.77 5.66 -8.72
CA CYS B 83 33.83 6.76 -8.88
C CYS B 83 33.16 6.75 -10.25
N VAL B 84 33.90 6.35 -11.29
CA VAL B 84 33.31 6.19 -12.63
C VAL B 84 32.23 5.11 -12.63
N VAL B 85 32.49 3.97 -11.99
CA VAL B 85 31.51 2.88 -11.97
C VAL B 85 30.22 3.31 -11.26
N ILE B 86 30.35 3.92 -10.07
CA ILE B 86 29.11 4.28 -9.38
C ILE B 86 28.37 5.38 -10.14
N THR B 87 29.08 6.25 -10.86
CA THR B 87 28.40 7.21 -11.73
C THR B 87 27.61 6.52 -12.83
N LEU B 88 28.21 5.50 -13.47
CA LEU B 88 27.47 4.76 -14.49
C LEU B 88 26.18 4.21 -13.90
N LEU B 89 26.29 3.62 -12.70
CA LEU B 89 25.13 2.95 -12.13
C LEU B 89 24.04 3.96 -11.74
N VAL B 90 24.41 5.13 -11.21
CA VAL B 90 23.33 6.05 -10.86
C VAL B 90 22.75 6.74 -12.10
N ILE B 91 23.53 6.84 -13.18
CA ILE B 91 22.93 7.33 -14.44
C ILE B 91 21.92 6.32 -14.95
N ILE B 92 22.29 5.03 -14.95
CA ILE B 92 21.33 4.00 -15.37
C ILE B 92 20.06 4.05 -14.50
N TYR B 93 20.23 4.17 -13.17
CA TYR B 93 19.05 4.23 -12.32
C TYR B 93 18.16 5.42 -12.67
N ASP B 94 18.77 6.59 -12.85
CA ASP B 94 17.99 7.81 -13.04
C ASP B 94 17.36 7.86 -14.44
N GLU B 95 18.18 7.75 -15.49
CA GLU B 95 17.64 7.86 -16.85
C GLU B 95 16.63 6.77 -17.14
N ASP B 96 16.70 5.63 -16.46
CA ASP B 96 15.93 4.45 -16.82
C ASP B 96 15.27 3.75 -15.64
N TYR B 97 14.82 4.46 -14.60
CA TYR B 97 14.04 3.74 -13.59
C TYR B 97 12.57 3.72 -13.97
N LEU B 98 12.23 4.27 -15.14
CA LEU B 98 11.03 3.82 -15.83
C LEU B 98 11.11 2.32 -16.11
N THR B 99 12.27 1.84 -16.58
CA THR B 99 12.40 0.49 -17.09
C THR B 99 12.54 -0.56 -15.99
N PHE B 100 12.72 -0.18 -14.71
CA PHE B 100 12.91 -1.17 -13.67
C PHE B 100 11.68 -1.41 -12.79
N GLY B 101 10.65 -0.55 -12.89
CA GLY B 101 9.46 -0.73 -12.07
C GLY B 101 9.73 -0.61 -10.58
N ASP B 102 9.11 -1.51 -9.80
CA ASP B 102 9.21 -1.49 -8.34
C ASP B 102 10.55 -1.96 -7.82
N ALA B 103 11.49 -2.37 -8.68
CA ALA B 103 12.73 -2.96 -8.18
C ALA B 103 13.40 -2.06 -7.16
N GLY B 104 13.58 -0.78 -7.50
CA GLY B 104 14.21 0.15 -6.59
C GLY B 104 13.44 0.33 -5.30
N THR B 105 12.11 0.19 -5.33
CA THR B 105 11.38 0.42 -4.08
C THR B 105 11.76 -0.59 -3.03
N GLU B 106 12.27 -1.77 -3.41
CA GLU B 106 12.73 -2.65 -2.34
C GLU B 106 14.23 -2.82 -2.28
N PHE B 107 14.99 -1.89 -2.86
CA PHE B 107 16.44 -2.01 -2.82
C PHE B 107 16.96 -2.08 -1.38
N SER B 108 16.54 -1.13 -0.53
CA SER B 108 17.20 -0.98 0.77
C SER B 108 16.97 -2.21 1.64
N LEU B 109 15.73 -2.70 1.72
CA LEU B 109 15.52 -3.89 2.57
C LEU B 109 16.22 -5.10 1.98
N ARG B 110 16.19 -5.26 0.63
CA ARG B 110 16.85 -6.45 0.12
C ARG B 110 18.35 -6.35 0.34
N LEU B 111 18.89 -5.12 0.31
CA LEU B 111 20.33 -4.96 0.53
C LEU B 111 20.70 -5.40 1.95
N VAL B 112 19.94 -4.94 2.96
CA VAL B 112 20.36 -5.25 4.34
C VAL B 112 19.92 -6.66 4.73
N ARG B 113 19.01 -7.28 3.96
CA ARG B 113 18.68 -8.68 4.26
C ARG B 113 19.59 -9.66 3.54
N GLY B 114 20.46 -9.17 2.65
CA GLY B 114 21.34 -10.07 1.93
C GLY B 114 20.65 -10.77 0.81
N LEU B 115 19.52 -10.20 0.29
CA LEU B 115 18.75 -10.89 -0.75
C LEU B 115 19.15 -10.46 -2.15
N PRO B 116 18.94 -11.34 -3.13
CA PRO B 116 19.05 -10.89 -4.52
C PRO B 116 18.07 -9.77 -4.82
N GLN B 117 18.52 -8.79 -5.60
CA GLN B 117 17.67 -7.70 -6.00
C GLN B 117 16.73 -8.12 -7.12
N LYS B 118 15.72 -7.29 -7.37
CA LYS B 118 14.71 -7.61 -8.39
C LYS B 118 15.22 -7.37 -9.81
N ALA B 119 16.41 -6.81 -9.97
CA ALA B 119 16.95 -6.50 -11.27
C ALA B 119 18.46 -6.66 -11.20
N PRO B 120 19.08 -7.32 -12.17
CA PRO B 120 20.54 -7.50 -12.13
C PRO B 120 21.32 -6.20 -11.96
N PHE B 121 20.84 -5.14 -12.60
CA PHE B 121 21.47 -3.84 -12.42
C PHE B 121 21.58 -3.47 -10.94
N LEU B 122 20.53 -3.74 -10.18
CA LEU B 122 20.56 -3.38 -8.76
C LEU B 122 21.46 -4.31 -7.96
N ASP B 123 21.66 -5.56 -8.42
CA ASP B 123 22.70 -6.40 -7.85
C ASP B 123 24.08 -5.76 -8.04
N SER B 124 24.33 -5.21 -9.23
CA SER B 124 25.60 -4.50 -9.44
C SER B 124 25.76 -3.34 -8.47
N LEU B 125 24.68 -2.58 -8.25
CA LEU B 125 24.73 -1.49 -7.26
C LEU B 125 25.03 -2.02 -5.84
N ALA B 126 24.34 -3.09 -5.44
CA ALA B 126 24.61 -3.69 -4.12
C ALA B 126 26.06 -4.17 -4.00
N GLN B 127 26.58 -4.77 -5.07
CA GLN B 127 27.97 -5.24 -5.03
C GLN B 127 28.94 -4.06 -4.87
N PHE B 128 28.66 -2.94 -5.58
CA PHE B 128 29.51 -1.76 -5.42
C PHE B 128 29.55 -1.30 -3.96
N LEU B 129 28.37 -1.22 -3.34
CA LEU B 129 28.30 -0.77 -1.95
C LEU B 129 29.09 -1.70 -1.04
N GLN B 130 29.11 -3.00 -1.34
CA GLN B 130 29.84 -3.94 -0.48
C GLN B 130 31.34 -3.81 -0.61
N ASN B 131 31.81 -3.13 -1.66
CA ASN B 131 33.25 -3.13 -1.91
C ASN B 131 33.89 -1.75 -1.85
N THR B 132 33.20 -0.76 -1.26
CA THR B 132 33.83 0.57 -1.16
C THR B 132 35.07 0.63 -0.28
N ASP B 133 35.38 -0.39 0.53
CA ASP B 133 36.66 -0.35 1.22
C ASP B 133 37.85 -0.46 0.27
N GLN B 134 37.61 -0.68 -1.04
CA GLN B 134 38.72 -0.63 -1.97
C GLN B 134 39.27 0.79 -2.14
N TYR B 135 38.50 1.83 -1.79
CA TYR B 135 39.06 3.17 -1.90
C TYR B 135 38.70 4.11 -0.76
N LEU B 136 37.80 3.75 0.16
CA LEU B 136 37.45 4.60 1.29
C LEU B 136 37.67 3.90 2.62
N GLY B 137 37.86 4.72 3.66
CA GLY B 137 37.86 4.24 5.04
C GLY B 137 36.44 3.97 5.53
N PRO B 138 36.32 3.51 6.77
CA PRO B 138 34.98 3.10 7.25
C PRO B 138 33.95 4.21 7.28
N TYR B 139 34.33 5.43 7.68
CA TYR B 139 33.35 6.50 7.69
C TYR B 139 32.88 6.81 6.27
N GLY B 140 33.82 6.89 5.33
CA GLY B 140 33.44 7.15 3.94
C GLY B 140 32.58 6.04 3.35
N SER B 141 32.91 4.78 3.65
CA SER B 141 32.09 3.65 3.18
C SER B 141 30.67 3.74 3.72
N SER B 142 30.52 4.07 5.00
CA SER B 142 29.18 4.23 5.54
C SER B 142 28.44 5.34 4.81
N MET B 143 29.13 6.45 4.52
CA MET B 143 28.43 7.56 3.91
C MET B 143 28.05 7.24 2.46
N VAL B 144 28.87 6.48 1.71
CA VAL B 144 28.47 6.08 0.36
C VAL B 144 27.22 5.21 0.41
N ILE B 145 27.19 4.24 1.33
CA ILE B 145 25.98 3.42 1.48
C ILE B 145 24.76 4.28 1.81
N LYS B 146 24.86 5.10 2.87
CA LYS B 146 23.67 5.86 3.28
C LYS B 146 23.23 6.84 2.19
N THR B 147 24.19 7.44 1.44
CA THR B 147 23.84 8.35 0.35
C THR B 147 23.18 7.62 -0.79
N THR B 148 23.62 6.39 -1.09
CA THR B 148 22.96 5.64 -2.15
C THR B 148 21.52 5.30 -1.77
N LEU B 149 21.29 4.94 -0.50
CA LEU B 149 19.91 4.65 -0.08
C LEU B 149 19.04 5.89 -0.22
N GLU B 150 19.56 7.07 0.18
CA GLU B 150 18.84 8.33 -0.03
C GLU B 150 18.59 8.60 -1.50
N PHE B 151 19.59 8.36 -2.34
CA PHE B 151 19.42 8.65 -3.77
C PHE B 151 18.35 7.75 -4.39
N VAL B 152 18.38 6.46 -4.04
CA VAL B 152 17.42 5.53 -4.64
C VAL B 152 16.00 5.91 -4.22
N GLU B 153 15.80 6.19 -2.92
CA GLU B 153 14.45 6.50 -2.46
C GLU B 153 13.99 7.89 -2.93
N GLY B 154 14.90 8.88 -2.93
CA GLY B 154 14.54 10.21 -3.40
C GLY B 154 14.18 10.21 -4.86
N THR B 155 14.92 9.43 -5.66
CA THR B 155 14.55 9.24 -7.05
C THR B 155 13.17 8.59 -7.16
N ASN B 156 12.89 7.58 -6.32
CA ASN B 156 11.63 6.86 -6.43
C ASN B 156 10.43 7.75 -6.13
N VAL B 157 10.61 8.83 -5.37
CA VAL B 157 9.50 9.70 -4.98
C VAL B 157 9.54 11.06 -5.66
N GLU B 158 10.55 11.33 -6.49
CA GLU B 158 10.66 12.62 -7.18
C GLU B 158 9.42 12.97 -7.99
N ASN B 159 8.69 11.96 -8.50
CA ASN B 159 7.51 12.22 -9.32
C ASN B 159 6.28 12.68 -8.52
N ASP B 160 6.31 12.53 -7.19
CA ASP B 160 5.24 13.03 -6.33
C ASP B 160 5.02 14.53 -6.50
N PHE B 161 6.08 15.29 -6.74
CA PHE B 161 5.95 16.74 -6.89
C PHE B 161 6.18 17.19 -8.32
N SER B 162 5.77 16.37 -9.30
CA SER B 162 6.06 16.69 -10.70
C SER B 162 5.37 17.97 -11.17
N GLU B 163 4.30 18.39 -10.52
CA GLU B 163 3.67 19.67 -10.88
C GLU B 163 4.40 20.84 -10.22
N ALA B 164 4.46 20.86 -8.89
CA ALA B 164 5.25 21.82 -8.11
C ALA B 164 5.34 21.30 -6.68
N VAL B 165 6.29 21.84 -5.92
CA VAL B 165 6.42 21.56 -4.49
C VAL B 165 5.56 22.54 -3.70
N PRO B 166 5.23 22.26 -2.43
CA PRO B 166 4.37 23.18 -1.66
C PRO B 166 5.04 24.53 -1.43
N PRO B 167 4.40 25.64 -1.79
CA PRO B 167 5.02 26.96 -1.54
C PRO B 167 5.31 27.23 -0.07
N ASP B 168 4.58 26.59 0.83
CA ASP B 168 4.66 26.83 2.26
C ASP B 168 5.88 26.19 2.94
N ALA B 169 6.57 25.26 2.29
CA ALA B 169 7.62 24.47 2.97
C ALA B 169 8.99 25.00 2.55
N LEU B 170 9.52 25.96 3.32
CA LEU B 170 10.69 26.71 2.89
C LEU B 170 11.95 25.85 2.86
N ARG B 171 12.06 24.88 3.76
CA ARG B 171 13.27 24.06 3.83
C ARG B 171 13.21 22.84 2.92
N PHE B 172 12.07 22.58 2.30
CA PHE B 172 11.91 21.35 1.54
C PHE B 172 12.72 21.32 0.23
N PRO B 173 12.88 22.41 -0.52
CA PRO B 173 13.76 22.33 -1.69
C PRO B 173 15.17 21.85 -1.36
N ARG B 174 15.78 22.35 -0.28
CA ARG B 174 17.10 21.83 0.07
C ARG B 174 17.03 20.37 0.47
N TYR B 175 16.00 19.98 1.23
CA TYR B 175 15.87 18.57 1.63
C TYR B 175 15.81 17.66 0.40
N LEU B 176 14.99 18.02 -0.57
CA LEU B 176 14.87 17.23 -1.80
C LEU B 176 16.20 17.15 -2.54
N ARG B 177 16.90 18.30 -2.61
CA ARG B 177 18.16 18.33 -3.35
C ARG B 177 19.22 17.50 -2.64
N VAL B 178 19.28 17.54 -1.31
CA VAL B 178 20.22 16.68 -0.58
C VAL B 178 19.95 15.22 -0.90
N LYS B 179 18.67 14.81 -0.85
CA LYS B 179 18.35 13.40 -1.04
C LYS B 179 18.74 12.91 -2.44
N THR B 180 18.55 13.74 -3.48
CA THR B 180 18.80 13.18 -4.82
C THR B 180 20.12 13.65 -5.44
N GLY B 181 20.88 14.52 -4.79
CA GLY B 181 22.09 15.03 -5.40
C GLY B 181 23.28 14.11 -5.32
N PHE B 182 23.23 13.09 -4.46
CA PHE B 182 24.33 12.12 -4.39
C PHE B 182 25.66 12.76 -4.00
N ALA B 183 25.65 13.94 -3.34
CA ALA B 183 26.90 14.70 -3.24
C ALA B 183 27.93 14.03 -2.31
N GLU B 184 27.50 13.47 -1.19
CA GLU B 184 28.44 12.94 -0.20
C GLU B 184 29.32 11.82 -0.79
N THR B 185 28.76 11.02 -1.71
CA THR B 185 29.55 9.97 -2.35
C THR B 185 30.74 10.56 -3.08
N TYR B 186 30.52 11.67 -3.80
CA TYR B 186 31.61 12.31 -4.52
C TYR B 186 32.52 13.08 -3.60
N ALA B 187 31.97 13.69 -2.55
CA ALA B 187 32.81 14.48 -1.65
C ALA B 187 33.82 13.59 -0.93
N HIS B 188 33.42 12.38 -0.51
CA HIS B 188 34.36 11.55 0.23
C HIS B 188 35.52 11.09 -0.63
N ALA B 189 35.33 11.00 -1.95
CA ALA B 189 36.46 10.60 -2.79
C ALA B 189 37.46 11.73 -3.03
N ILE B 190 37.12 12.97 -2.67
CA ILE B 190 38.11 14.05 -2.65
C ILE B 190 39.24 13.73 -1.67
N PHE B 191 38.95 12.92 -0.64
CA PHE B 191 39.91 12.63 0.42
C PHE B 191 40.06 11.11 0.53
N PRO B 192 40.73 10.48 -0.46
CA PRO B 192 40.79 9.03 -0.48
C PRO B 192 41.60 8.49 0.71
N ASN B 193 41.20 7.29 1.17
CA ASN B 193 41.80 6.68 2.35
C ASN B 193 43.23 6.22 2.11
N ASP B 194 43.63 6.01 0.86
CA ASP B 194 45.02 5.58 0.65
C ASP B 194 46.01 6.71 0.85
N THR B 195 45.60 7.95 0.61
CA THR B 195 46.41 9.15 0.76
C THR B 195 46.18 9.84 2.09
N PHE B 196 44.92 9.86 2.55
CA PHE B 196 44.51 10.55 3.76
C PHE B 196 43.81 9.57 4.71
N PRO B 197 44.56 8.68 5.36
CA PRO B 197 43.94 7.68 6.24
C PRO B 197 43.04 8.33 7.26
N GLU B 198 41.85 7.74 7.44
CA GLU B 198 40.83 8.41 8.25
C GLU B 198 41.32 8.66 9.68
N HIS B 199 42.14 7.74 10.24
CA HIS B 199 42.52 7.87 11.65
C HIS B 199 43.25 9.19 11.91
N LYS B 200 44.08 9.64 10.97
CA LYS B 200 44.77 10.90 11.11
C LYS B 200 44.05 12.08 10.44
N TYR B 201 43.34 11.86 9.33
CA TYR B 201 42.89 13.01 8.56
C TYR B 201 41.42 13.34 8.68
N ARG B 202 40.61 12.40 9.14
CA ARG B 202 39.17 12.64 9.10
C ARG B 202 38.80 13.86 9.95
N LYS B 203 39.43 14.01 11.12
CA LYS B 203 39.13 15.16 11.97
C LYS B 203 39.53 16.47 11.31
N LEU B 204 40.37 16.42 10.27
CA LEU B 204 40.81 17.64 9.58
C LEU B 204 39.91 17.99 8.40
N TYR B 205 39.40 16.99 7.67
CA TYR B 205 38.58 17.35 6.53
C TYR B 205 37.09 17.23 6.77
N LEU B 206 36.63 16.48 7.77
CA LEU B 206 35.19 16.40 8.01
C LEU B 206 34.54 17.77 8.18
N PRO B 207 35.17 18.78 8.81
CA PRO B 207 34.52 20.10 8.89
C PRO B 207 34.29 20.72 7.53
N ALA B 208 34.94 20.24 6.48
CA ALA B 208 34.70 20.77 5.16
C ALA B 208 33.63 20.02 4.37
N LEU B 209 33.15 18.86 4.83
CA LEU B 209 32.25 18.09 3.98
C LEU B 209 30.93 18.80 3.76
N SER B 210 30.38 19.47 4.78
CA SER B 210 29.10 20.14 4.54
C SER B 210 29.20 21.21 3.46
N PRO B 211 30.13 22.18 3.54
CA PRO B 211 30.21 23.13 2.40
C PRO B 211 30.54 22.47 1.09
N LEU B 212 31.36 21.40 1.10
CA LEU B 212 31.66 20.71 -0.15
C LEU B 212 30.41 20.10 -0.76
N CYS B 213 29.54 19.50 0.06
CA CYS B 213 28.29 18.95 -0.47
C CYS B 213 27.42 20.03 -1.07
N ASP B 214 27.33 21.21 -0.40
CA ASP B 214 26.63 22.34 -1.00
C ASP B 214 27.23 22.73 -2.35
N ILE B 215 28.56 22.79 -2.44
CA ILE B 215 29.19 23.19 -3.71
C ILE B 215 28.83 22.19 -4.80
N ILE B 216 28.88 20.90 -4.49
CA ILE B 216 28.58 19.88 -5.50
C ILE B 216 27.14 20.01 -5.99
N ASP B 217 26.19 20.06 -5.04
CA ASP B 217 24.78 20.15 -5.41
C ASP B 217 24.51 21.44 -6.20
N PHE B 218 24.90 22.58 -5.62
CA PHE B 218 24.50 23.89 -6.17
C PHE B 218 25.23 24.17 -7.47
N THR B 219 26.48 23.74 -7.58
CA THR B 219 27.19 23.99 -8.82
C THR B 219 26.57 23.21 -9.96
N ASN B 220 26.09 21.99 -9.69
CA ASN B 220 25.33 21.34 -10.76
C ASN B 220 24.03 22.08 -11.01
N ASP B 221 23.34 22.56 -9.97
CA ASP B 221 22.10 23.30 -10.23
C ASP B 221 22.35 24.48 -11.16
N ILE B 222 23.42 25.26 -10.89
CA ILE B 222 23.78 26.39 -11.74
C ILE B 222 24.04 25.94 -13.17
N LEU B 223 24.91 24.91 -13.35
CA LEU B 223 25.40 24.57 -14.68
C LEU B 223 24.46 23.68 -15.48
N SER B 224 23.50 23.03 -14.84
CA SER B 224 22.50 22.22 -15.53
C SER B 224 21.18 22.94 -15.66
N PHE B 225 21.09 24.19 -15.16
CA PHE B 225 19.86 24.94 -15.33
C PHE B 225 19.49 25.11 -16.79
N TYR B 226 20.47 25.28 -17.68
CA TYR B 226 20.14 25.46 -19.09
C TYR B 226 19.47 24.20 -19.65
N LYS B 227 20.11 23.05 -19.47
CA LYS B 227 19.51 21.84 -20.03
C LYS B 227 18.22 21.45 -19.32
N GLU B 228 18.06 21.79 -18.03
CA GLU B 228 16.85 21.40 -17.31
C GLU B 228 15.66 22.32 -17.62
N THR B 229 15.85 23.64 -17.51
CA THR B 229 14.77 24.60 -17.46
C THR B 229 14.73 25.57 -18.64
N ILE B 230 15.87 25.95 -19.22
CA ILE B 230 15.82 26.88 -20.35
C ILE B 230 15.58 26.13 -21.65
N ARG B 231 16.44 25.13 -21.94
CA ARG B 231 16.30 24.24 -23.09
C ARG B 231 15.25 23.16 -22.86
N GLY B 232 15.17 22.63 -21.63
CA GLY B 232 14.18 21.63 -21.27
C GLY B 232 12.94 22.25 -20.63
N THR B 233 12.11 21.38 -20.05
CA THR B 233 10.84 21.81 -19.49
C THR B 233 10.74 21.58 -17.99
N GLU B 234 11.86 21.35 -17.31
CA GLU B 234 11.81 21.04 -15.90
C GLU B 234 11.44 22.28 -15.08
N ARG B 235 10.51 22.09 -14.12
CA ARG B 235 10.09 23.17 -13.23
C ARG B 235 10.13 22.77 -11.76
N ILE B 236 10.69 21.60 -11.44
CA ILE B 236 10.73 21.05 -10.10
C ILE B 236 12.16 20.75 -9.65
N ASN B 237 13.15 21.41 -10.25
CA ASN B 237 14.52 21.32 -9.76
C ASN B 237 14.74 22.32 -8.62
N TYR B 238 15.93 22.32 -8.02
CA TYR B 238 16.17 23.14 -6.83
C TYR B 238 15.92 24.62 -7.08
N ILE B 239 16.44 25.16 -8.18
CA ILE B 239 16.30 26.60 -8.43
C ILE B 239 14.83 26.98 -8.54
N CYS B 240 14.08 26.23 -9.35
CA CYS B 240 12.66 26.54 -9.51
C CYS B 240 11.90 26.34 -8.21
N ASN B 241 12.25 25.30 -7.47
CA ASN B 241 11.59 25.08 -6.19
C ASN B 241 11.85 26.21 -5.22
N VAL B 242 13.07 26.73 -5.19
CA VAL B 242 13.37 27.86 -4.32
C VAL B 242 12.59 29.08 -4.76
N ALA B 243 12.50 29.31 -6.08
CA ALA B 243 11.73 30.44 -6.58
C ALA B 243 10.27 30.30 -6.19
N ASN B 244 9.75 29.08 -6.24
CA ASN B 244 8.35 28.85 -5.85
C ASN B 244 8.12 29.07 -4.37
N THR B 245 9.05 28.62 -3.51
CA THR B 245 8.85 28.76 -2.07
C THR B 245 9.18 30.14 -1.53
N THR B 246 9.99 30.94 -2.22
CA THR B 246 10.35 32.26 -1.72
C THR B 246 9.61 33.38 -2.43
N GLY B 247 8.74 33.08 -3.38
CA GLY B 247 8.02 34.10 -4.13
C GLY B 247 8.87 34.91 -5.07
N SER B 248 10.09 34.47 -5.37
CA SER B 248 11.06 35.14 -6.22
C SER B 248 11.01 34.59 -7.65
N SER B 249 11.92 35.06 -8.50
CA SER B 249 12.06 34.62 -9.88
C SER B 249 13.18 33.60 -10.00
N ALA B 250 13.13 32.80 -11.07
CA ALA B 250 14.22 31.85 -11.23
C ALA B 250 15.54 32.57 -11.46
N LEU B 251 15.50 33.76 -12.10
CA LEU B 251 16.74 34.51 -12.32
C LEU B 251 17.39 34.92 -10.99
N ARG B 252 16.59 35.43 -10.06
CA ARG B 252 17.13 35.87 -8.78
C ARG B 252 17.63 34.68 -7.96
N CYS B 253 16.90 33.57 -8.02
CA CYS B 253 17.32 32.37 -7.29
C CYS B 253 18.57 31.71 -7.89
N LEU B 254 18.72 31.78 -9.21
CA LEU B 254 19.96 31.35 -9.85
C LEU B 254 21.14 32.18 -9.35
N GLN B 255 21.00 33.51 -9.37
CA GLN B 255 22.09 34.37 -8.88
C GLN B 255 22.40 34.11 -7.41
N GLU B 256 21.36 33.89 -6.59
CA GLU B 256 21.57 33.65 -5.17
C GLU B 256 22.29 32.33 -4.94
N THR B 257 22.01 31.34 -5.80
CA THR B 257 22.73 30.06 -5.72
C THR B 257 24.20 30.23 -6.12
N VAL B 258 24.47 31.09 -7.11
CA VAL B 258 25.85 31.41 -7.47
C VAL B 258 26.57 32.03 -6.27
N ASP B 259 25.90 32.99 -5.62
CA ASP B 259 26.49 33.67 -4.48
C ASP B 259 26.74 32.69 -3.33
N ALA B 260 25.81 31.77 -3.11
CA ALA B 260 26.01 30.74 -2.09
C ALA B 260 27.24 29.89 -2.38
N VAL B 261 27.42 29.49 -3.65
CA VAL B 261 28.59 28.68 -3.98
C VAL B 261 29.86 29.47 -3.72
N GLU B 262 29.89 30.73 -4.13
CA GLU B 262 31.10 31.52 -3.92
C GLU B 262 31.42 31.60 -2.42
N SER B 263 30.38 31.74 -1.60
CA SER B 263 30.59 31.82 -0.16
C SER B 263 31.16 30.51 0.39
N ARG B 264 30.63 29.37 -0.10
CA ARG B 264 31.15 28.07 0.38
C ARG B 264 32.60 27.86 -0.04
N VAL B 265 32.96 28.33 -1.24
CA VAL B 265 34.33 28.20 -1.72
C VAL B 265 35.28 28.92 -0.79
N LEU B 266 34.89 30.13 -0.37
CA LEU B 266 35.74 30.86 0.57
C LEU B 266 35.81 30.14 1.90
N GLU B 267 34.68 29.61 2.36
CA GLU B 267 34.66 28.85 3.62
C GLU B 267 35.62 27.66 3.58
N ILE B 268 35.59 26.89 2.49
CA ILE B 268 36.49 25.74 2.34
C ILE B 268 37.95 26.19 2.36
N HIS B 269 38.27 27.26 1.62
CA HIS B 269 39.65 27.76 1.62
C HIS B 269 40.08 28.15 3.03
N ARG B 270 39.16 28.67 3.84
CA ARG B 270 39.53 29.00 5.21
C ARG B 270 39.73 27.75 6.07
N ILE B 271 38.82 26.77 5.96
CA ILE B 271 38.86 25.60 6.86
C ILE B 271 40.11 24.77 6.60
N LEU B 272 40.46 24.59 5.32
CA LEU B 272 41.55 23.73 4.89
C LEU B 272 42.85 24.48 4.65
N ALA B 273 42.88 25.79 4.91
CA ALA B 273 44.12 26.55 4.75
C ALA B 273 45.31 25.91 5.44
N PRO B 274 45.20 25.35 6.66
CA PRO B 274 46.36 24.73 7.29
C PRO B 274 46.85 23.45 6.62
N TYR B 275 46.09 22.87 5.70
CA TYR B 275 46.39 21.53 5.18
C TYR B 275 46.41 21.56 3.66
N PRO B 276 47.59 21.84 3.08
CA PRO B 276 47.66 22.14 1.65
C PRO B 276 47.28 20.98 0.72
N ASP B 277 47.58 19.72 1.08
CA ASP B 277 47.22 18.61 0.20
C ASP B 277 45.72 18.36 0.18
N LEU B 278 45.07 18.47 1.36
CA LEU B 278 43.61 18.40 1.42
C LEU B 278 42.98 19.49 0.55
N LEU B 279 43.47 20.72 0.70
CA LEU B 279 42.91 21.84 -0.05
C LEU B 279 43.14 21.65 -1.54
N ALA B 280 44.31 21.16 -1.92
CA ALA B 280 44.63 20.93 -3.33
C ALA B 280 43.67 19.95 -3.96
N HIS B 281 43.40 18.83 -3.27
CA HIS B 281 42.41 17.88 -3.78
C HIS B 281 41.05 18.57 -3.99
N CYS B 282 40.68 19.49 -3.10
CA CYS B 282 39.42 20.22 -3.30
C CYS B 282 39.47 21.12 -4.53
N ASN B 283 40.57 21.87 -4.68
CA ASN B 283 40.69 22.80 -5.80
C ASN B 283 40.64 22.04 -7.13
N ASP B 284 41.39 20.93 -7.21
CA ASP B 284 41.37 20.07 -8.40
C ASP B 284 39.96 19.58 -8.66
N TYR B 285 39.25 19.17 -7.61
CA TYR B 285 37.90 18.67 -7.78
C TYR B 285 37.03 19.74 -8.40
N LEU B 286 37.01 20.93 -7.80
CA LEU B 286 36.06 21.94 -8.26
C LEU B 286 36.35 22.35 -9.70
N ALA B 287 37.63 22.51 -10.04
CA ALA B 287 37.94 22.92 -11.40
C ALA B 287 37.50 21.86 -12.40
N ALA B 288 37.73 20.58 -12.08
CA ALA B 288 37.33 19.50 -12.98
C ALA B 288 35.83 19.25 -12.99
N TYR B 289 35.14 19.51 -11.87
CA TYR B 289 33.69 19.37 -11.80
C TYR B 289 33.02 20.39 -12.73
N ILE B 290 33.44 21.64 -12.62
CA ILE B 290 32.93 22.67 -13.54
C ILE B 290 33.28 22.32 -14.98
N GLY B 291 34.54 21.92 -15.20
CA GLY B 291 34.97 21.59 -16.55
C GLY B 291 34.19 20.45 -17.16
N TYR B 292 33.85 19.46 -16.33
CA TYR B 292 33.07 18.32 -16.79
C TYR B 292 31.73 18.79 -17.29
N HIS B 293 31.11 19.75 -16.57
CA HIS B 293 29.82 20.26 -17.03
C HIS B 293 29.96 20.97 -18.37
N ILE B 294 31.06 21.71 -18.54
CA ILE B 294 31.26 22.41 -19.82
C ILE B 294 31.53 21.44 -20.98
N ARG B 295 32.34 20.42 -20.72
CA ARG B 295 32.79 19.51 -21.79
C ARG B 295 31.77 18.45 -22.13
N THR B 296 30.90 18.07 -21.19
CA THR B 296 29.93 16.99 -21.44
C THR B 296 28.72 17.60 -22.12
N THR B 297 28.96 18.01 -23.38
CA THR B 297 27.97 18.78 -24.12
C THR B 297 26.75 17.93 -24.46
N SER B 298 26.90 16.60 -24.51
CA SER B 298 25.76 15.72 -24.73
C SER B 298 24.81 15.67 -23.55
N ARG B 299 25.22 16.16 -22.38
CA ARG B 299 24.33 16.22 -21.24
C ARG B 299 23.89 17.63 -20.87
N TYR B 300 24.79 18.62 -20.95
CA TYR B 300 24.51 19.96 -20.45
C TYR B 300 24.43 21.01 -21.53
N PHE B 301 24.85 20.71 -22.76
CA PHE B 301 24.61 21.62 -23.90
C PHE B 301 25.17 23.02 -23.68
N LEU B 302 26.24 23.14 -22.90
CA LEU B 302 26.75 24.46 -22.60
C LEU B 302 27.55 25.04 -23.75
N ASP B 303 27.86 24.25 -24.81
CA ASP B 303 28.34 24.88 -26.02
C ASP B 303 27.27 25.66 -26.78
N GLU B 304 26.02 25.61 -26.34
CA GLU B 304 24.98 26.46 -26.90
C GLU B 304 24.83 27.78 -26.14
N VAL B 305 25.68 28.03 -25.16
CA VAL B 305 25.61 29.18 -24.25
C VAL B 305 26.87 30.01 -24.45
N ARG B 306 26.75 31.32 -24.42
CA ARG B 306 27.92 32.19 -24.55
C ARG B 306 28.39 32.58 -23.17
N PHE B 307 29.59 32.16 -22.79
CA PHE B 307 30.13 32.62 -21.50
C PHE B 307 31.64 32.88 -21.50
N ASP C 3 -39.50 0.87 -29.32
CA ASP C 3 -39.81 2.10 -28.59
C ASP C 3 -38.59 3.02 -28.52
N VAL C 4 -38.86 4.30 -28.25
CA VAL C 4 -37.82 5.33 -28.25
C VAL C 4 -36.80 5.14 -27.12
N ARG C 5 -37.18 4.46 -26.03
CA ARG C 5 -36.28 4.25 -24.89
C ARG C 5 -34.94 3.71 -25.32
N PHE C 6 -34.97 2.69 -26.17
CA PHE C 6 -33.85 2.02 -26.84
C PHE C 6 -33.51 2.95 -28.02
N MET C 7 -33.00 2.45 -29.15
CA MET C 7 -32.70 3.37 -30.26
C MET C 7 -31.59 4.36 -29.90
N VAL C 8 -30.38 3.85 -29.83
CA VAL C 8 -29.17 4.66 -29.79
C VAL C 8 -28.60 4.68 -31.20
N SER C 9 -28.34 5.88 -31.73
CA SER C 9 -27.84 5.96 -33.09
C SER C 9 -26.40 5.44 -33.16
N LEU C 10 -26.02 5.00 -34.37
CA LEU C 10 -24.62 4.64 -34.61
C LEU C 10 -23.68 5.79 -34.31
N SER C 11 -24.05 7.00 -34.75
CA SER C 11 -23.24 8.18 -34.50
C SER C 11 -23.15 8.51 -33.01
N GLU C 12 -24.29 8.48 -32.30
CA GLU C 12 -24.27 8.75 -30.87
C GLU C 12 -23.36 7.77 -30.13
N TYR C 13 -23.50 6.49 -30.47
CA TYR C 13 -22.77 5.42 -29.82
C TYR C 13 -21.28 5.56 -30.07
N GLY C 14 -20.91 5.78 -31.34
CA GLY C 14 -19.51 6.01 -31.65
C GLY C 14 -18.93 7.19 -30.88
N ALA C 15 -19.70 8.28 -30.77
CA ALA C 15 -19.18 9.47 -30.08
C ALA C 15 -18.99 9.19 -28.59
N ILE C 16 -19.90 8.43 -27.98
CA ILE C 16 -19.74 8.05 -26.58
C ILE C 16 -18.50 7.18 -26.40
N LEU C 17 -18.29 6.21 -27.29
CA LEU C 17 -17.11 5.37 -27.18
C LEU C 17 -15.83 6.20 -27.33
N SER C 18 -15.83 7.13 -28.28
CA SER C 18 -14.67 8.00 -28.47
C SER C 18 -14.34 8.74 -27.18
N ARG C 19 -15.37 9.34 -26.54
CA ARG C 19 -15.15 10.09 -25.30
C ARG C 19 -14.66 9.16 -24.18
N PHE C 20 -15.21 7.94 -24.12
CA PHE C 20 -14.79 6.94 -23.13
C PHE C 20 -13.31 6.60 -23.27
N PHE C 21 -12.88 6.24 -24.48
CA PHE C 21 -11.47 5.90 -24.69
C PHE C 21 -10.58 7.09 -24.36
N GLU C 22 -10.98 8.32 -24.76
CA GLU C 22 -10.18 9.49 -24.43
C GLU C 22 -10.08 9.68 -22.91
N LYS C 23 -11.20 9.51 -22.20
CA LYS C 23 -11.21 9.81 -20.77
C LYS C 23 -10.26 8.89 -20.00
N ILE C 24 -10.24 7.59 -20.34
CA ILE C 24 -9.44 6.61 -19.62
C ILE C 24 -8.07 6.47 -20.27
N ASP C 25 -7.76 7.30 -21.27
CA ASP C 25 -6.45 7.27 -21.91
C ASP C 25 -6.15 5.88 -22.48
N PHE C 26 -7.12 5.32 -23.21
CA PHE C 26 -6.95 4.00 -23.80
C PHE C 26 -6.10 4.06 -25.06
N HIS C 27 -5.10 3.16 -25.14
CA HIS C 27 -4.25 2.96 -26.31
C HIS C 27 -4.24 1.49 -26.67
N LEU C 28 -4.52 1.19 -27.93
CA LEU C 28 -4.63 -0.19 -28.37
C LEU C 28 -3.29 -0.91 -28.25
N PRO C 29 -3.19 -2.01 -27.50
CA PRO C 29 -1.90 -2.68 -27.36
C PRO C 29 -1.47 -3.23 -28.70
N LYS C 30 -0.15 -3.41 -28.86
CA LYS C 30 0.34 -4.11 -30.03
C LYS C 30 -0.18 -5.54 -30.02
N PRO C 31 -0.36 -6.15 -31.20
CA PRO C 31 -0.96 -7.50 -31.25
C PRO C 31 -0.17 -8.51 -30.43
N TYR C 32 -0.91 -9.38 -29.74
CA TYR C 32 -0.37 -10.43 -28.89
C TYR C 32 -0.44 -11.76 -29.61
N TYR C 33 0.68 -12.49 -29.62
CA TYR C 33 0.72 -13.83 -30.24
C TYR C 33 1.63 -14.75 -29.44
N ASP C 34 1.07 -15.88 -28.99
CA ASP C 34 1.82 -17.00 -28.42
C ASP C 34 1.50 -18.24 -29.25
N SER C 35 2.51 -18.73 -29.99
CA SER C 35 2.25 -19.82 -30.92
C SER C 35 1.79 -21.10 -30.22
N SER C 36 1.96 -21.20 -28.90
CA SER C 36 1.58 -22.43 -28.21
C SER C 36 0.10 -22.52 -27.87
N ILE C 37 -0.65 -21.43 -27.94
CA ILE C 37 -2.01 -21.46 -27.41
C ILE C 37 -2.96 -22.28 -28.31
N GLU C 38 -3.02 -21.98 -29.61
CA GLU C 38 -4.02 -22.69 -30.41
C GLU C 38 -3.76 -24.18 -30.51
N PRO C 39 -2.53 -24.63 -30.76
CA PRO C 39 -2.30 -26.08 -30.78
C PRO C 39 -2.69 -26.75 -29.48
N ALA C 40 -2.41 -26.10 -28.34
CA ALA C 40 -2.80 -26.64 -27.05
C ALA C 40 -4.31 -26.74 -26.93
N LEU C 41 -5.02 -25.71 -27.43
CA LEU C 41 -6.46 -25.73 -27.33
C LEU C 41 -7.05 -26.76 -28.29
N ALA C 42 -6.45 -26.91 -29.48
CA ALA C 42 -6.92 -27.96 -30.37
C ALA C 42 -6.72 -29.34 -29.75
N LYS C 43 -5.58 -29.54 -29.07
CA LYS C 43 -5.38 -30.81 -28.42
C LYS C 43 -6.42 -31.03 -27.32
N TYR C 44 -6.72 -29.97 -26.54
CA TYR C 44 -7.75 -30.08 -25.51
C TYR C 44 -9.09 -30.50 -26.12
N ILE C 45 -9.49 -29.85 -27.20
CA ILE C 45 -10.79 -30.16 -27.81
C ILE C 45 -10.81 -31.62 -28.29
N GLU C 46 -9.74 -32.03 -28.98
CA GLU C 46 -9.71 -33.38 -29.53
C GLU C 46 -9.77 -34.43 -28.43
N GLU C 47 -9.23 -34.13 -27.25
CA GLU C 47 -9.26 -35.05 -26.14
C GLU C 47 -10.60 -35.15 -25.42
N GLN C 48 -11.53 -34.20 -25.66
CA GLN C 48 -12.79 -34.25 -24.92
C GLN C 48 -13.71 -35.34 -25.50
N PRO C 49 -14.46 -36.04 -24.64
CA PRO C 49 -15.47 -37.00 -25.15
C PRO C 49 -16.75 -36.31 -25.62
N TRP C 50 -16.60 -35.37 -26.55
CA TRP C 50 -17.70 -34.62 -27.14
C TRP C 50 -18.08 -35.21 -28.49
N SER C 51 -19.32 -34.96 -28.90
CA SER C 51 -19.77 -35.30 -30.25
C SER C 51 -18.92 -34.59 -31.30
N GLU C 52 -18.92 -35.12 -32.53
CA GLU C 52 -18.10 -34.51 -33.58
C GLU C 52 -18.63 -33.13 -33.96
N ASP C 53 -19.95 -32.92 -33.94
CA ASP C 53 -20.46 -31.60 -34.28
C ASP C 53 -20.09 -30.56 -33.23
N LEU C 54 -20.12 -30.94 -31.94
CA LEU C 54 -19.66 -30.00 -30.90
C LEU C 54 -18.19 -29.69 -31.07
N LYS C 55 -17.38 -30.67 -31.46
CA LYS C 55 -15.97 -30.38 -31.72
C LYS C 55 -15.78 -29.41 -32.89
N THR C 56 -16.52 -29.57 -33.98
CA THR C 56 -16.38 -28.63 -35.11
C THR C 56 -16.80 -27.21 -34.69
N ARG C 57 -17.94 -27.12 -34.01
CA ARG C 57 -18.45 -25.84 -33.53
C ARG C 57 -17.49 -25.22 -32.52
N ALA C 58 -16.88 -26.04 -31.66
CA ALA C 58 -15.88 -25.58 -30.71
C ALA C 58 -14.64 -25.05 -31.41
N ALA C 59 -14.26 -25.66 -32.54
CA ALA C 59 -13.18 -25.07 -33.33
C ALA C 59 -13.56 -23.66 -33.80
N LYS C 60 -14.84 -23.44 -34.12
CA LYS C 60 -15.28 -22.09 -34.43
C LYS C 60 -15.13 -21.14 -33.23
N TYR C 61 -15.66 -21.55 -32.08
CA TYR C 61 -15.62 -20.71 -30.87
C TYR C 61 -14.20 -20.44 -30.38
N ALA C 62 -13.30 -21.40 -30.61
CA ALA C 62 -11.90 -21.29 -30.21
C ALA C 62 -11.23 -20.07 -30.81
N LYS C 63 -11.59 -19.71 -32.05
CA LYS C 63 -11.04 -18.51 -32.67
C LYS C 63 -11.33 -17.29 -31.81
N GLN C 64 -12.45 -17.28 -31.09
CA GLN C 64 -12.71 -16.16 -30.20
C GLN C 64 -12.00 -16.35 -28.86
N ALA C 65 -11.96 -17.58 -28.37
CA ALA C 65 -11.43 -17.84 -27.03
C ALA C 65 -9.92 -17.61 -26.94
N VAL C 66 -9.16 -17.89 -28.00
CA VAL C 66 -7.71 -17.84 -27.85
C VAL C 66 -7.22 -16.42 -27.53
N GLY C 67 -7.98 -15.39 -27.95
CA GLY C 67 -7.56 -14.01 -27.66
C GLY C 67 -7.49 -13.70 -26.18
N ILE C 68 -8.06 -14.57 -25.33
CA ILE C 68 -8.05 -14.28 -23.90
C ILE C 68 -6.63 -14.36 -23.34
N ALA C 69 -5.74 -15.10 -23.99
CA ALA C 69 -4.36 -15.19 -23.52
C ALA C 69 -3.71 -13.81 -23.46
N SER C 70 -4.11 -12.91 -24.36
CA SER C 70 -3.55 -11.56 -24.41
C SER C 70 -3.90 -10.72 -23.19
N TRP C 71 -4.92 -11.11 -22.43
CA TRP C 71 -5.32 -10.40 -21.22
C TRP C 71 -4.31 -10.55 -20.11
N TYR C 72 -3.45 -11.57 -20.19
CA TYR C 72 -2.51 -11.95 -19.14
C TYR C 72 -1.10 -12.11 -19.70
N PRO C 73 -0.58 -11.08 -20.37
CA PRO C 73 0.65 -11.28 -21.17
C PRO C 73 1.87 -11.61 -20.34
N ARG C 74 1.92 -11.18 -19.08
CA ARG C 74 3.05 -11.48 -18.23
C ARG C 74 2.86 -12.76 -17.45
N ALA C 75 1.76 -13.48 -17.67
CA ALA C 75 1.47 -14.66 -16.87
C ALA C 75 2.08 -15.91 -17.50
N SER C 76 2.15 -16.96 -16.68
CA SER C 76 2.64 -18.25 -17.15
C SER C 76 1.72 -18.83 -18.22
N PHE C 77 2.25 -19.76 -18.99
CA PHE C 77 1.43 -20.46 -19.96
C PHE C 77 0.25 -21.16 -19.28
N ALA C 78 0.46 -21.78 -18.11
CA ALA C 78 -0.66 -22.46 -17.45
C ALA C 78 -1.81 -21.50 -17.18
N VAL C 79 -1.51 -20.27 -16.76
CA VAL C 79 -2.57 -19.32 -16.48
C VAL C 79 -3.27 -18.91 -17.78
N ARG C 80 -2.48 -18.56 -18.81
CA ARG C 80 -3.09 -18.13 -20.07
C ARG C 80 -3.93 -19.24 -20.68
N PHE C 81 -3.39 -20.46 -20.68
CA PHE C 81 -4.09 -21.56 -21.32
C PHE C 81 -5.36 -21.91 -20.55
N ASN C 82 -5.29 -21.96 -19.22
CA ASN C 82 -6.50 -22.29 -18.47
C ASN C 82 -7.58 -21.22 -18.66
N CYS C 83 -7.19 -19.95 -18.70
CA CYS C 83 -8.18 -18.90 -18.97
C CYS C 83 -8.81 -19.07 -20.35
N VAL C 84 -8.00 -19.46 -21.34
CA VAL C 84 -8.56 -19.72 -22.66
C VAL C 84 -9.53 -20.90 -22.63
N VAL C 85 -9.18 -21.97 -21.91
CA VAL C 85 -10.04 -23.15 -21.86
C VAL C 85 -11.38 -22.82 -21.22
N ILE C 86 -11.36 -22.16 -20.06
CA ILE C 86 -12.65 -21.85 -19.43
C ILE C 86 -13.47 -20.90 -20.29
N THR C 87 -12.81 -19.99 -21.02
CA THR C 87 -13.55 -19.15 -21.97
C THR C 87 -14.23 -19.99 -23.04
N LEU C 88 -13.51 -20.95 -23.62
CA LEU C 88 -14.15 -21.82 -24.61
C LEU C 88 -15.38 -22.50 -24.01
N LEU C 89 -15.27 -23.01 -22.78
CA LEU C 89 -16.40 -23.73 -22.19
C LEU C 89 -17.60 -22.81 -21.94
N VAL C 90 -17.36 -21.60 -21.47
CA VAL C 90 -18.55 -20.78 -21.18
C VAL C 90 -19.13 -20.22 -22.47
N ILE C 91 -18.31 -20.02 -23.52
CA ILE C 91 -18.86 -19.73 -24.85
C ILE C 91 -19.75 -20.87 -25.33
N ILE C 92 -19.27 -22.12 -25.23
CA ILE C 92 -20.12 -23.25 -25.62
C ILE C 92 -21.41 -23.25 -24.82
N TYR C 93 -21.32 -23.05 -23.50
CA TYR C 93 -22.53 -23.15 -22.70
C TYR C 93 -23.55 -22.12 -23.14
N ASP C 94 -23.10 -20.87 -23.28
CA ASP C 94 -23.99 -19.81 -23.67
C ASP C 94 -24.57 -20.07 -25.06
N GLU C 95 -23.69 -20.34 -26.02
CA GLU C 95 -24.11 -20.46 -27.41
C GLU C 95 -25.05 -21.64 -27.60
N ASP C 96 -24.85 -22.72 -26.86
CA ASP C 96 -25.61 -23.93 -27.11
C ASP C 96 -26.37 -24.40 -25.87
N TYR C 97 -26.82 -23.50 -24.98
CA TYR C 97 -27.52 -24.05 -23.82
C TYR C 97 -28.96 -24.42 -24.12
N LEU C 98 -29.46 -24.15 -25.32
CA LEU C 98 -30.69 -24.81 -25.76
C LEU C 98 -30.44 -26.29 -26.02
N THR C 99 -29.27 -26.63 -26.55
CA THR C 99 -29.01 -27.97 -27.06
C THR C 99 -28.69 -28.98 -25.97
N PHE C 100 -28.40 -28.53 -24.75
CA PHE C 100 -28.12 -29.40 -23.63
C PHE C 100 -29.38 -29.74 -22.83
N GLY C 101 -30.52 -29.14 -23.18
CA GLY C 101 -31.76 -29.37 -22.44
C GLY C 101 -31.65 -28.96 -20.97
N ASP C 102 -32.12 -29.85 -20.09
CA ASP C 102 -32.14 -29.60 -18.66
C ASP C 102 -30.81 -29.92 -17.97
N ALA C 103 -29.77 -30.30 -18.71
CA ALA C 103 -28.53 -30.74 -18.07
C ALA C 103 -27.93 -29.65 -17.19
N GLY C 104 -27.99 -28.39 -17.65
CA GLY C 104 -27.49 -27.28 -16.88
C GLY C 104 -28.20 -27.11 -15.54
N THR C 105 -29.51 -27.38 -15.50
CA THR C 105 -30.21 -27.17 -14.25
C THR C 105 -29.77 -28.16 -13.18
N GLU C 106 -29.16 -29.29 -13.57
CA GLU C 106 -28.66 -30.26 -12.59
C GLU C 106 -27.20 -30.05 -12.22
N PHE C 107 -26.53 -29.10 -12.88
CA PHE C 107 -25.08 -29.01 -12.78
C PHE C 107 -24.62 -28.90 -11.34
N SER C 108 -25.18 -27.94 -10.57
CA SER C 108 -24.62 -27.66 -9.26
C SER C 108 -24.83 -28.84 -8.31
N LEU C 109 -26.01 -29.47 -8.34
CA LEU C 109 -26.21 -30.59 -7.40
C LEU C 109 -25.36 -31.79 -7.81
N ARG C 110 -25.26 -32.06 -9.12
CA ARG C 110 -24.40 -33.19 -9.49
C ARG C 110 -22.97 -32.89 -9.14
N LEU C 111 -22.57 -31.62 -9.27
CA LEU C 111 -21.21 -31.25 -8.98
C LEU C 111 -20.88 -31.53 -7.52
N VAL C 112 -21.76 -31.11 -6.60
CA VAL C 112 -21.35 -31.23 -5.20
C VAL C 112 -21.60 -32.62 -4.64
N ARG C 113 -22.37 -33.46 -5.35
CA ARG C 113 -22.55 -34.86 -5.01
C ARG C 113 -21.43 -35.72 -5.55
N GLY C 114 -20.53 -35.15 -6.35
CA GLY C 114 -19.45 -35.92 -6.97
C GLY C 114 -19.96 -36.85 -8.03
N LEU C 115 -21.13 -36.49 -8.71
CA LEU C 115 -21.74 -37.32 -9.74
C LEU C 115 -21.32 -36.84 -11.12
N PRO C 116 -21.31 -37.74 -12.10
CA PRO C 116 -21.14 -37.31 -13.49
C PRO C 116 -22.29 -36.41 -13.90
N GLN C 117 -22.01 -35.55 -14.87
CA GLN C 117 -23.01 -34.63 -15.39
C GLN C 117 -23.90 -35.32 -16.43
N LYS C 118 -25.02 -34.65 -16.77
CA LYS C 118 -25.97 -35.23 -17.71
C LYS C 118 -25.44 -35.17 -19.14
N ALA C 119 -24.56 -34.22 -19.42
CA ALA C 119 -23.96 -34.11 -20.74
C ALA C 119 -22.43 -34.08 -20.60
N PRO C 120 -21.70 -34.75 -21.48
CA PRO C 120 -20.23 -34.79 -21.32
C PRO C 120 -19.56 -33.42 -21.38
N PHE C 121 -20.16 -32.49 -22.11
CA PHE C 121 -19.63 -31.12 -22.11
C PHE C 121 -19.58 -30.58 -20.68
N LEU C 122 -20.63 -30.83 -19.92
CA LEU C 122 -20.64 -30.38 -18.54
C LEU C 122 -19.68 -31.18 -17.67
N ASP C 123 -19.33 -32.40 -18.08
CA ASP C 123 -18.22 -33.10 -17.41
C ASP C 123 -16.91 -32.35 -17.62
N SER C 124 -16.69 -31.81 -18.83
CA SER C 124 -15.46 -31.03 -19.06
C SER C 124 -15.44 -29.81 -18.16
N LEU C 125 -16.60 -29.18 -18.01
CA LEU C 125 -16.69 -28.02 -17.11
C LEU C 125 -16.40 -28.42 -15.64
N ALA C 126 -17.00 -29.54 -15.18
CA ALA C 126 -16.76 -30.00 -13.82
C ALA C 126 -15.28 -30.33 -13.59
N GLN C 127 -14.64 -30.99 -14.55
CA GLN C 127 -13.21 -31.30 -14.41
C GLN C 127 -12.35 -30.05 -14.35
N PHE C 128 -12.69 -29.03 -15.16
CA PHE C 128 -11.97 -27.76 -15.03
C PHE C 128 -12.07 -27.23 -13.60
N LEU C 129 -13.29 -27.18 -13.06
CA LEU C 129 -13.47 -26.65 -11.71
C LEU C 129 -12.67 -27.45 -10.69
N GLN C 130 -12.64 -28.79 -10.86
CA GLN C 130 -11.91 -29.64 -9.93
C GLN C 130 -10.42 -29.39 -9.98
N ASN C 131 -9.92 -28.78 -11.06
CA ASN C 131 -8.49 -28.57 -11.13
C ASN C 131 -8.06 -27.11 -11.15
N THR C 132 -8.93 -26.18 -10.71
CA THR C 132 -8.52 -24.77 -10.64
C THR C 132 -7.30 -24.51 -9.75
N ASP C 133 -6.99 -25.38 -8.79
CA ASP C 133 -5.78 -25.19 -7.97
C ASP C 133 -4.49 -25.38 -8.76
N GLN C 134 -4.55 -25.90 -9.99
CA GLN C 134 -3.36 -25.99 -10.81
C GLN C 134 -2.84 -24.59 -11.18
N TYR C 135 -3.70 -23.56 -11.15
CA TYR C 135 -3.21 -22.21 -11.49
C TYR C 135 -3.69 -21.10 -10.56
N LEU C 136 -4.58 -21.37 -9.62
CA LEU C 136 -4.98 -20.36 -8.65
C LEU C 136 -4.79 -20.88 -7.24
N GLY C 137 -4.69 -19.95 -6.27
CA GLY C 137 -4.68 -20.29 -4.89
C GLY C 137 -6.08 -20.67 -4.37
N PRO C 138 -6.15 -20.98 -3.08
CA PRO C 138 -7.42 -21.50 -2.50
C PRO C 138 -8.61 -20.53 -2.57
N TYR C 139 -8.40 -19.24 -2.29
CA TYR C 139 -9.49 -18.28 -2.43
C TYR C 139 -9.89 -18.11 -3.90
N GLY C 140 -8.89 -17.94 -4.79
CA GLY C 140 -9.22 -17.81 -6.21
C GLY C 140 -9.92 -19.05 -6.77
N SER C 141 -9.48 -20.26 -6.39
CA SER C 141 -10.13 -21.47 -6.89
C SER C 141 -11.57 -21.55 -6.42
N SER C 142 -11.82 -21.30 -5.13
CA SER C 142 -13.20 -21.25 -4.66
C SER C 142 -14.02 -20.23 -5.43
N MET C 143 -13.44 -19.07 -5.76
CA MET C 143 -14.24 -18.02 -6.40
C MET C 143 -14.54 -18.42 -7.84
N VAL C 144 -13.62 -19.09 -8.53
CA VAL C 144 -13.92 -19.58 -9.88
C VAL C 144 -15.05 -20.62 -9.82
N ILE C 145 -15.00 -21.53 -8.84
CA ILE C 145 -16.08 -22.50 -8.69
C ILE C 145 -17.40 -21.80 -8.46
N LYS C 146 -17.44 -20.89 -7.49
CA LYS C 146 -18.73 -20.34 -7.15
C LYS C 146 -19.25 -19.45 -8.27
N THR C 147 -18.34 -18.79 -9.01
CA THR C 147 -18.72 -17.94 -10.13
C THR C 147 -19.27 -18.77 -11.27
N THR C 148 -18.68 -19.93 -11.50
CA THR C 148 -19.23 -20.82 -12.53
C THR C 148 -20.63 -21.33 -12.16
N LEU C 149 -20.87 -21.64 -10.88
CA LEU C 149 -22.24 -22.02 -10.51
C LEU C 149 -23.22 -20.89 -10.80
N GLU C 150 -22.83 -19.66 -10.44
CA GLU C 150 -23.70 -18.51 -10.74
C GLU C 150 -23.92 -18.34 -12.24
N PHE C 151 -22.86 -18.49 -13.03
CA PHE C 151 -22.97 -18.29 -14.48
C PHE C 151 -23.91 -19.31 -15.12
N VAL C 152 -23.81 -20.58 -14.70
CA VAL C 152 -24.68 -21.59 -15.30
C VAL C 152 -26.13 -21.27 -14.98
N GLU C 153 -26.41 -20.93 -13.71
CA GLU C 153 -27.81 -20.64 -13.31
C GLU C 153 -28.32 -19.30 -13.86
N GLY C 154 -27.48 -18.27 -13.92
CA GLY C 154 -27.88 -17.02 -14.51
C GLY C 154 -28.14 -17.14 -16.00
N THR C 155 -27.33 -17.93 -16.70
CA THR C 155 -27.62 -18.16 -18.11
C THR C 155 -28.97 -18.84 -18.24
N ASN C 156 -29.25 -19.80 -17.35
CA ASN C 156 -30.50 -20.55 -17.45
C ASN C 156 -31.71 -19.64 -17.26
N VAL C 157 -31.61 -18.66 -16.35
CA VAL C 157 -32.80 -17.84 -16.02
C VAL C 157 -32.90 -16.54 -16.83
N GLU C 158 -31.84 -16.14 -17.53
CA GLU C 158 -31.72 -14.82 -18.13
C GLU C 158 -32.94 -14.42 -18.97
N ASN C 159 -33.41 -15.31 -19.84
CA ASN C 159 -34.48 -14.94 -20.76
C ASN C 159 -35.88 -15.08 -20.16
N ASP C 160 -36.00 -15.53 -18.90
CA ASP C 160 -37.29 -15.47 -18.24
C ASP C 160 -37.80 -14.05 -18.12
N PHE C 161 -36.89 -13.06 -18.14
CA PHE C 161 -37.26 -11.68 -17.88
C PHE C 161 -37.52 -10.90 -19.16
N SER C 162 -37.68 -11.60 -20.30
CA SER C 162 -37.75 -10.97 -21.63
C SER C 162 -38.55 -9.67 -21.67
N GLU C 163 -39.80 -9.71 -21.21
CA GLU C 163 -40.59 -8.50 -21.04
C GLU C 163 -41.08 -8.39 -19.60
N ALA C 164 -40.25 -8.79 -18.65
CA ALA C 164 -40.73 -9.02 -17.30
C ALA C 164 -39.83 -8.37 -16.27
N VAL C 165 -39.21 -7.23 -16.58
CA VAL C 165 -38.37 -6.50 -15.64
C VAL C 165 -39.23 -5.44 -14.95
N PRO C 166 -39.41 -5.51 -13.63
CA PRO C 166 -40.37 -4.63 -12.95
C PRO C 166 -39.88 -3.19 -12.95
N PRO C 167 -40.77 -2.24 -13.20
CA PRO C 167 -40.34 -0.84 -13.33
C PRO C 167 -39.55 -0.28 -12.17
N ASP C 168 -39.78 -0.68 -10.92
CA ASP C 168 -39.04 -0.03 -9.85
C ASP C 168 -37.95 -0.93 -9.22
N ALA C 169 -37.49 -1.96 -9.94
CA ALA C 169 -36.51 -2.91 -9.41
C ALA C 169 -35.08 -2.41 -9.61
N LEU C 170 -34.68 -1.42 -8.79
CA LEU C 170 -33.43 -0.69 -9.02
C LEU C 170 -32.20 -1.58 -8.91
N ARG C 171 -32.18 -2.48 -7.94
CA ARG C 171 -31.00 -3.31 -7.68
C ARG C 171 -30.90 -4.50 -8.61
N PHE C 172 -32.01 -4.88 -9.26
CA PHE C 172 -32.03 -6.12 -10.04
C PHE C 172 -31.04 -6.13 -11.20
N PRO C 173 -30.93 -5.07 -12.05
CA PRO C 173 -30.00 -5.15 -13.17
C PRO C 173 -28.58 -5.51 -12.77
N ARG C 174 -28.07 -4.89 -11.71
CA ARG C 174 -26.71 -5.23 -11.28
C ARG C 174 -26.63 -6.67 -10.80
N TYR C 175 -27.64 -7.14 -10.08
CA TYR C 175 -27.66 -8.52 -9.56
C TYR C 175 -27.60 -9.53 -10.70
N LEU C 176 -28.42 -9.32 -11.72
CA LEU C 176 -28.40 -10.22 -12.87
C LEU C 176 -27.06 -10.18 -13.57
N ARG C 177 -26.48 -8.98 -13.72
CA ARG C 177 -25.19 -8.86 -14.40
C ARG C 177 -24.08 -9.53 -13.60
N VAL C 178 -24.10 -9.45 -12.28
CA VAL C 178 -23.13 -10.22 -11.50
C VAL C 178 -23.28 -11.70 -11.82
N LYS C 179 -24.51 -12.20 -11.85
CA LYS C 179 -24.69 -13.65 -12.11
C LYS C 179 -24.21 -14.07 -13.49
N THR C 180 -24.45 -13.26 -14.53
CA THR C 180 -24.16 -13.67 -15.89
C THR C 180 -22.79 -13.25 -16.40
N GLY C 181 -22.10 -12.30 -15.76
CA GLY C 181 -20.89 -11.75 -16.37
C GLY C 181 -19.63 -12.58 -16.19
N PHE C 182 -19.61 -13.51 -15.25
CA PHE C 182 -18.43 -14.38 -15.05
C PHE C 182 -17.19 -13.59 -14.64
N ALA C 183 -17.33 -12.38 -14.05
CA ALA C 183 -16.17 -11.49 -13.94
C ALA C 183 -15.12 -12.02 -12.95
N GLU C 184 -15.53 -12.63 -11.84
CA GLU C 184 -14.54 -13.00 -10.83
C GLU C 184 -13.55 -13.99 -11.36
N THR C 185 -13.96 -14.81 -12.33
CA THR C 185 -13.04 -15.81 -12.89
C THR C 185 -11.86 -15.14 -13.58
N TYR C 186 -12.12 -14.09 -14.36
CA TYR C 186 -11.04 -13.39 -15.05
C TYR C 186 -10.27 -12.49 -14.10
N ALA C 187 -10.98 -11.87 -13.17
CA ALA C 187 -10.30 -10.94 -12.28
C ALA C 187 -9.26 -11.67 -11.43
N HIS C 188 -9.58 -12.88 -10.96
CA HIS C 188 -8.59 -13.57 -10.14
C HIS C 188 -7.35 -13.97 -10.93
N ALA C 189 -7.47 -14.25 -12.23
CA ALA C 189 -6.27 -14.62 -12.98
C ALA C 189 -5.40 -13.40 -13.28
N ILE C 190 -5.95 -12.19 -13.08
CA ILE C 190 -5.06 -11.03 -13.15
C ILE C 190 -3.92 -11.16 -12.16
N PHE C 191 -4.13 -11.87 -11.05
CA PHE C 191 -3.13 -11.97 -9.99
C PHE C 191 -2.80 -13.44 -9.76
N PRO C 192 -2.07 -14.09 -10.70
CA PRO C 192 -1.84 -15.52 -10.59
C PRO C 192 -1.07 -15.88 -9.34
N ASN C 193 -1.36 -17.07 -8.81
CA ASN C 193 -0.82 -17.54 -7.55
C ASN C 193 0.68 -17.83 -7.61
N ASP C 194 1.21 -18.10 -8.80
CA ASP C 194 2.65 -18.35 -8.87
C ASP C 194 3.45 -17.04 -8.73
N THR C 195 3.00 -15.97 -9.40
CA THR C 195 3.67 -14.67 -9.27
C THR C 195 3.32 -13.96 -7.97
N PHE C 196 2.06 -14.05 -7.56
CA PHE C 196 1.54 -13.35 -6.40
C PHE C 196 0.87 -14.34 -5.45
N PRO C 197 1.66 -15.14 -4.73
CA PRO C 197 1.07 -16.16 -3.85
C PRO C 197 0.10 -15.53 -2.86
N GLU C 198 -1.02 -16.23 -2.64
CA GLU C 198 -2.13 -15.61 -1.90
C GLU C 198 -1.72 -15.23 -0.50
N HIS C 199 -0.91 -16.08 0.15
CA HIS C 199 -0.63 -15.83 1.56
C HIS C 199 0.09 -14.51 1.77
N LYS C 200 0.83 -14.03 0.77
CA LYS C 200 1.46 -12.73 0.89
C LYS C 200 0.71 -11.62 0.16
N TYR C 201 0.09 -11.88 -0.99
CA TYR C 201 -0.44 -10.78 -1.80
C TYR C 201 -1.95 -10.60 -1.73
N ARG C 202 -2.69 -11.63 -1.29
CA ARG C 202 -4.15 -11.53 -1.31
C ARG C 202 -4.63 -10.30 -0.53
N LYS C 203 -4.05 -10.05 0.64
CA LYS C 203 -4.47 -8.87 1.39
C LYS C 203 -4.17 -7.57 0.64
N LEU C 204 -3.23 -7.59 -0.31
CA LEU C 204 -2.92 -6.38 -1.07
C LEU C 204 -3.87 -6.18 -2.24
N TYR C 205 -4.18 -7.23 -3.00
CA TYR C 205 -5.00 -7.00 -4.18
C TYR C 205 -6.49 -7.22 -3.96
N LEU C 206 -6.89 -7.91 -2.90
CA LEU C 206 -8.30 -8.15 -2.65
C LEU C 206 -9.15 -6.88 -2.65
N PRO C 207 -8.71 -5.76 -2.07
CA PRO C 207 -9.53 -4.55 -2.14
C PRO C 207 -9.74 -4.10 -3.58
N ALA C 208 -8.95 -4.58 -4.55
CA ALA C 208 -9.13 -4.16 -5.92
C ALA C 208 -10.10 -5.06 -6.69
N LEU C 209 -10.45 -6.22 -6.15
CA LEU C 209 -11.25 -7.18 -6.92
C LEU C 209 -12.64 -6.65 -7.27
N SER C 210 -13.32 -6.00 -6.32
CA SER C 210 -14.67 -5.55 -6.61
C SER C 210 -14.70 -4.48 -7.72
N PRO C 211 -13.89 -3.43 -7.67
CA PRO C 211 -13.88 -2.50 -8.82
C PRO C 211 -13.42 -3.15 -10.10
N LEU C 212 -12.51 -4.11 -10.02
CA LEU C 212 -12.11 -4.85 -11.22
C LEU C 212 -13.27 -5.63 -11.81
N CYS C 213 -14.10 -6.24 -10.96
CA CYS C 213 -15.27 -6.95 -11.51
C CYS C 213 -16.26 -5.99 -12.14
N ASP C 214 -16.48 -4.82 -11.51
CA ASP C 214 -17.31 -3.81 -12.17
C ASP C 214 -16.73 -3.41 -13.52
N ILE C 215 -15.41 -3.24 -13.61
CA ILE C 215 -14.78 -2.84 -14.87
C ILE C 215 -15.01 -3.92 -15.92
N ILE C 216 -14.83 -5.19 -15.53
CA ILE C 216 -14.97 -6.28 -16.50
C ILE C 216 -16.41 -6.33 -17.02
N ASP C 217 -17.38 -6.36 -16.09
CA ASP C 217 -18.79 -6.44 -16.47
C ASP C 217 -19.20 -5.23 -17.32
N PHE C 218 -18.96 -4.02 -16.79
CA PHE C 218 -19.48 -2.80 -17.38
C PHE C 218 -18.76 -2.44 -18.67
N THR C 219 -17.46 -2.74 -18.78
CA THR C 219 -16.77 -2.43 -20.02
C THR C 219 -17.26 -3.33 -21.14
N ASN C 220 -17.54 -4.61 -20.82
CA ASN C 220 -18.23 -5.38 -21.85
C ASN C 220 -19.60 -4.80 -22.15
N ASP C 221 -20.34 -4.34 -21.14
CA ASP C 221 -21.67 -3.78 -21.46
C ASP C 221 -21.58 -2.58 -22.40
N ILE C 222 -20.61 -1.68 -22.16
CA ILE C 222 -20.40 -0.53 -23.06
C ILE C 222 -20.04 -1.02 -24.46
N LEU C 223 -19.05 -1.92 -24.56
CA LEU C 223 -18.49 -2.24 -25.85
C LEU C 223 -19.30 -3.26 -26.63
N SER C 224 -20.19 -4.00 -25.97
CA SER C 224 -21.02 -4.98 -26.64
C SER C 224 -22.46 -4.49 -26.76
N PHE C 225 -22.75 -3.25 -26.33
CA PHE C 225 -24.08 -2.71 -26.54
C PHE C 225 -24.42 -2.64 -28.02
N TYR C 226 -23.42 -2.37 -28.87
CA TYR C 226 -23.69 -2.31 -30.30
C TYR C 226 -24.23 -3.65 -30.81
N LYS C 227 -23.48 -4.73 -30.58
CA LYS C 227 -23.88 -6.01 -31.13
C LYS C 227 -25.11 -6.58 -30.44
N GLU C 228 -25.35 -6.22 -29.17
CA GLU C 228 -26.50 -6.75 -28.44
C GLU C 228 -27.79 -6.00 -28.81
N THR C 229 -27.78 -4.68 -28.73
CA THR C 229 -29.04 -3.94 -28.74
C THR C 229 -29.23 -3.04 -29.94
N ILE C 230 -28.15 -2.47 -30.49
CA ILE C 230 -28.30 -1.60 -31.66
C ILE C 230 -28.39 -2.44 -32.93
N ARG C 231 -27.47 -3.39 -33.07
CA ARG C 231 -27.40 -4.31 -34.19
C ARG C 231 -28.23 -5.57 -33.96
N GLY C 232 -28.34 -6.01 -32.70
CA GLY C 232 -29.10 -7.19 -32.35
C GLY C 232 -30.46 -6.85 -31.75
N THR C 233 -31.09 -7.87 -31.16
CA THR C 233 -32.41 -7.72 -30.56
C THR C 233 -32.39 -7.83 -29.04
N GLU C 234 -31.22 -7.97 -28.41
CA GLU C 234 -31.17 -8.17 -26.97
C GLU C 234 -31.73 -6.95 -26.24
N ARG C 235 -32.73 -7.20 -25.37
CA ARG C 235 -33.37 -6.15 -24.58
C ARG C 235 -33.37 -6.51 -23.10
N ILE C 236 -32.57 -7.49 -22.71
CA ILE C 236 -32.50 -8.01 -21.35
C ILE C 236 -31.09 -7.92 -20.77
N ASN C 237 -30.22 -7.12 -21.40
CA ASN C 237 -28.87 -6.94 -20.90
C ASN C 237 -28.88 -5.84 -19.84
N TYR C 238 -27.71 -5.55 -19.27
CA TYR C 238 -27.63 -4.64 -18.12
C TYR C 238 -28.14 -3.25 -18.48
N ILE C 239 -27.68 -2.69 -19.59
CA ILE C 239 -28.07 -1.31 -19.91
C ILE C 239 -29.58 -1.23 -20.15
N CYS C 240 -30.14 -2.17 -20.91
CA CYS C 240 -31.60 -2.16 -21.11
C CYS C 240 -32.34 -2.39 -19.80
N ASN C 241 -31.82 -3.27 -18.94
CA ASN C 241 -32.49 -3.50 -17.66
C ASN C 241 -32.48 -2.24 -16.81
N VAL C 242 -31.38 -1.49 -16.82
CA VAL C 242 -31.35 -0.23 -16.07
C VAL C 242 -32.35 0.75 -16.65
N ALA C 243 -32.43 0.82 -17.99
CA ALA C 243 -33.40 1.75 -18.59
C ALA C 243 -34.82 1.39 -18.20
N ASN C 244 -35.16 0.10 -18.19
CA ASN C 244 -36.54 -0.30 -17.87
C ASN C 244 -36.85 -0.15 -16.39
N THR C 245 -35.88 -0.40 -15.51
CA THR C 245 -36.13 -0.22 -14.08
C THR C 245 -36.11 1.25 -13.64
N THR C 246 -35.49 2.12 -14.41
CA THR C 246 -35.46 3.53 -14.02
C THR C 246 -36.37 4.39 -14.89
N GLY C 247 -37.04 3.80 -15.90
CA GLY C 247 -37.89 4.57 -16.80
C GLY C 247 -37.13 5.57 -17.63
N SER C 248 -35.86 5.32 -17.84
CA SER C 248 -34.90 6.23 -18.45
C SER C 248 -34.51 5.69 -19.83
N SER C 249 -33.72 6.46 -20.59
CA SER C 249 -33.36 6.03 -21.93
C SER C 249 -32.11 5.16 -21.92
N ALA C 250 -32.00 4.26 -22.90
CA ALA C 250 -30.78 3.48 -23.01
C ALA C 250 -29.57 4.37 -23.25
N LEU C 251 -29.76 5.49 -23.96
CA LEU C 251 -28.66 6.43 -24.21
C LEU C 251 -28.09 7.00 -22.91
N ARG C 252 -28.96 7.44 -22.01
CA ARG C 252 -28.46 8.01 -20.76
C ARG C 252 -27.83 6.93 -19.88
N CYS C 253 -28.44 5.74 -19.82
CA CYS C 253 -27.89 4.65 -19.02
C CYS C 253 -26.54 4.18 -19.53
N LEU C 254 -26.36 4.17 -20.85
CA LEU C 254 -25.06 3.87 -21.43
C LEU C 254 -24.02 4.89 -20.98
N GLN C 255 -24.37 6.18 -20.99
CA GLN C 255 -23.44 7.19 -20.48
C GLN C 255 -23.13 6.98 -18.99
N GLU C 256 -24.15 6.61 -18.21
CA GLU C 256 -23.95 6.38 -16.77
C GLU C 256 -22.98 5.23 -16.53
N THR C 257 -23.04 4.22 -17.39
CA THR C 257 -22.16 3.07 -17.23
C THR C 257 -20.72 3.44 -17.61
N VAL C 258 -20.55 4.25 -18.67
CA VAL C 258 -19.23 4.79 -18.97
C VAL C 258 -18.67 5.54 -17.75
N ASP C 259 -19.49 6.41 -17.15
CA ASP C 259 -19.00 7.19 -15.99
C ASP C 259 -18.60 6.28 -14.83
N ALA C 260 -19.38 5.23 -14.59
CA ALA C 260 -19.04 4.27 -13.54
C ALA C 260 -17.70 3.60 -13.80
N VAL C 261 -17.49 3.12 -15.03
CA VAL C 261 -16.21 2.48 -15.34
C VAL C 261 -15.06 3.46 -15.16
N GLU C 262 -15.24 4.73 -15.58
CA GLU C 262 -14.14 5.69 -15.44
C GLU C 262 -13.79 5.88 -13.96
N SER C 263 -14.83 5.96 -13.11
CA SER C 263 -14.60 6.08 -11.67
C SER C 263 -13.88 4.84 -11.13
N ARG C 264 -14.23 3.64 -11.62
CA ARG C 264 -13.58 2.43 -11.14
C ARG C 264 -12.10 2.40 -11.54
N VAL C 265 -11.79 2.87 -12.75
CA VAL C 265 -10.39 2.87 -13.19
C VAL C 265 -9.56 3.77 -12.30
N LEU C 266 -10.10 4.94 -11.94
CA LEU C 266 -9.39 5.80 -10.98
C LEU C 266 -9.21 5.10 -9.62
N GLU C 267 -10.25 4.40 -9.16
CA GLU C 267 -10.15 3.71 -7.87
C GLU C 267 -9.06 2.63 -7.88
N ILE C 268 -9.02 1.80 -8.94
CA ILE C 268 -7.96 0.79 -9.04
C ILE C 268 -6.58 1.43 -9.05
N HIS C 269 -6.44 2.49 -9.86
CA HIS C 269 -5.13 3.12 -9.93
C HIS C 269 -4.69 3.64 -8.57
N ARG C 270 -5.64 4.12 -7.74
CA ARG C 270 -5.27 4.54 -6.40
C ARG C 270 -4.89 3.36 -5.51
N ILE C 271 -5.70 2.31 -5.52
CA ILE C 271 -5.52 1.18 -4.59
C ILE C 271 -4.19 0.48 -4.82
N LEU C 272 -3.82 0.30 -6.08
CA LEU C 272 -2.66 -0.52 -6.43
C LEU C 272 -1.42 0.32 -6.71
N ALA C 273 -1.51 1.64 -6.56
CA ALA C 273 -0.35 2.50 -6.69
C ALA C 273 0.87 2.04 -5.89
N PRO C 274 0.76 1.63 -4.61
CA PRO C 274 1.97 1.20 -3.88
C PRO C 274 2.60 -0.09 -4.39
N TYR C 275 1.94 -0.80 -5.32
CA TYR C 275 2.33 -2.15 -5.71
C TYR C 275 2.47 -2.20 -7.23
N PRO C 276 3.63 -1.79 -7.75
CA PRO C 276 3.78 -1.63 -9.21
C PRO C 276 3.56 -2.89 -10.01
N ASP C 277 3.93 -4.06 -9.50
CA ASP C 277 3.71 -5.30 -10.24
C ASP C 277 2.21 -5.60 -10.39
N LEU C 278 1.48 -5.51 -9.28
CA LEU C 278 0.04 -5.74 -9.33
C LEU C 278 -0.62 -4.74 -10.27
N LEU C 279 -0.19 -3.47 -10.19
CA LEU C 279 -0.75 -2.42 -11.02
C LEU C 279 -0.48 -2.71 -12.50
N ALA C 280 0.73 -3.19 -12.81
CA ALA C 280 1.08 -3.49 -14.19
C ALA C 280 0.23 -4.64 -14.74
N HIS C 281 0.04 -5.70 -13.95
CA HIS C 281 -0.85 -6.76 -14.41
C HIS C 281 -2.25 -6.23 -14.66
N CYS C 282 -2.72 -5.33 -13.80
N CYS C 282 -2.72 -5.33 -13.80
CA CYS C 282 -4.04 -4.73 -13.99
CA CYS C 282 -4.03 -4.74 -13.99
C CYS C 282 -4.11 -3.89 -15.27
C CYS C 282 -4.10 -3.89 -15.26
N ASN C 283 -3.12 -3.01 -15.47
CA ASN C 283 -3.12 -2.19 -16.68
C ASN C 283 -3.01 -3.03 -17.95
N ASP C 284 -2.15 -4.05 -17.94
CA ASP C 284 -2.06 -4.96 -19.09
C ASP C 284 -3.43 -5.58 -19.38
N TYR C 285 -4.08 -6.07 -18.32
CA TYR C 285 -5.41 -6.64 -18.44
C TYR C 285 -6.37 -5.65 -19.11
N LEU C 286 -6.46 -4.43 -18.57
CA LEU C 286 -7.48 -3.49 -19.05
C LEU C 286 -7.25 -3.15 -20.52
N ALA C 287 -6.01 -2.82 -20.88
CA ALA C 287 -5.69 -2.48 -22.26
C ALA C 287 -6.06 -3.62 -23.20
N ALA C 288 -5.70 -4.87 -22.83
CA ALA C 288 -5.97 -6.00 -23.70
C ALA C 288 -7.45 -6.43 -23.73
N TYR C 289 -8.18 -6.22 -22.63
CA TYR C 289 -9.62 -6.51 -22.60
C TYR C 289 -10.39 -5.58 -23.54
N ILE C 290 -10.10 -4.28 -23.50
CA ILE C 290 -10.71 -3.35 -24.44
C ILE C 290 -10.27 -3.68 -25.87
N GLY C 291 -8.96 -3.91 -26.05
CA GLY C 291 -8.45 -4.22 -27.37
C GLY C 291 -9.09 -5.47 -27.96
N TYR C 292 -9.33 -6.48 -27.12
CA TYR C 292 -10.01 -7.69 -27.55
C TYR C 292 -11.41 -7.38 -28.05
N HIS C 293 -12.12 -6.47 -27.37
CA HIS C 293 -13.44 -6.11 -27.88
C HIS C 293 -13.35 -5.46 -29.26
N ILE C 294 -12.37 -4.60 -29.46
CA ILE C 294 -12.24 -3.92 -30.76
C ILE C 294 -11.83 -4.89 -31.86
N ARG C 295 -10.86 -5.75 -31.59
CA ARG C 295 -10.29 -6.65 -32.58
C ARG C 295 -11.20 -7.83 -32.91
N THR C 296 -12.04 -8.29 -31.97
CA THR C 296 -12.87 -9.45 -32.24
C THR C 296 -14.16 -8.98 -32.93
N THR C 297 -13.99 -8.57 -34.19
CA THR C 297 -15.10 -8.05 -34.98
C THR C 297 -16.14 -9.10 -35.27
N SER C 298 -15.77 -10.38 -35.26
CA SER C 298 -16.75 -11.44 -35.49
C SER C 298 -17.76 -11.54 -34.35
N ARG C 299 -17.43 -10.99 -33.17
CA ARG C 299 -18.33 -10.98 -32.04
C ARG C 299 -18.94 -9.61 -31.75
N TYR C 300 -18.14 -8.54 -31.83
CA TYR C 300 -18.62 -7.22 -31.40
C TYR C 300 -18.83 -6.23 -32.54
N PHE C 301 -18.36 -6.51 -33.77
CA PHE C 301 -18.66 -5.71 -34.95
C PHE C 301 -18.31 -4.23 -34.78
N LEU C 302 -17.30 -3.93 -33.96
CA LEU C 302 -16.95 -2.52 -33.72
C LEU C 302 -16.23 -1.89 -34.90
N ASP C 303 -15.81 -2.67 -35.91
CA ASP C 303 -15.32 -2.06 -37.14
C ASP C 303 -16.44 -1.35 -37.89
N GLU C 304 -17.68 -1.54 -37.47
CA GLU C 304 -18.83 -0.85 -38.03
C GLU C 304 -19.12 0.52 -37.38
N VAL C 305 -18.47 0.84 -36.26
CA VAL C 305 -18.73 2.09 -35.53
C VAL C 305 -17.52 3.02 -35.69
N ARG C 306 -17.78 4.32 -35.70
CA ARG C 306 -16.74 5.34 -35.82
C ARG C 306 -16.37 5.87 -34.43
N PHE C 307 -15.13 5.59 -33.99
CA PHE C 307 -14.62 6.16 -32.74
C PHE C 307 -13.17 6.64 -32.83
N PRO D 1 -8.29 8.48 21.85
CA PRO D 1 -8.26 9.55 20.83
C PRO D 1 -8.37 9.01 19.41
N GLU D 2 -7.60 7.96 19.08
CA GLU D 2 -7.67 7.35 17.76
C GLU D 2 -8.96 6.54 17.56
N ASP D 3 -9.66 6.19 18.64
CA ASP D 3 -10.87 5.38 18.56
C ASP D 3 -12.14 6.21 18.46
N VAL D 4 -12.06 7.54 18.57
CA VAL D 4 -13.27 8.36 18.58
C VAL D 4 -14.08 8.13 17.30
N ARG D 5 -13.40 8.00 16.16
CA ARG D 5 -14.08 7.92 14.87
C ARG D 5 -15.04 6.72 14.82
N PHE D 6 -14.72 5.64 15.57
CA PHE D 6 -15.53 4.43 15.55
C PHE D 6 -16.49 4.32 16.72
N MET D 7 -16.46 5.25 17.68
CA MET D 7 -17.41 5.18 18.77
C MET D 7 -18.68 5.97 18.47
N VAL D 8 -19.75 5.55 19.12
CA VAL D 8 -21.05 6.22 19.08
C VAL D 8 -21.59 6.21 20.51
N SER D 9 -22.06 7.37 20.98
CA SER D 9 -22.62 7.43 22.31
C SER D 9 -23.90 6.62 22.39
N LEU D 10 -24.13 6.01 23.56
CA LEU D 10 -25.24 5.08 23.74
C LEU D 10 -26.58 5.75 23.45
N SER D 11 -26.75 6.98 23.91
CA SER D 11 -28.00 7.69 23.64
C SER D 11 -28.18 7.91 22.15
N GLU D 12 -27.10 8.29 21.47
CA GLU D 12 -27.19 8.51 20.03
C GLU D 12 -27.43 7.20 19.29
N TYR D 13 -26.80 6.11 19.74
CA TYR D 13 -27.03 4.81 19.09
C TYR D 13 -28.47 4.35 19.27
N GLY D 14 -29.00 4.48 20.49
CA GLY D 14 -30.42 4.22 20.70
C GLY D 14 -31.31 5.07 19.81
N ALA D 15 -30.93 6.33 19.58
CA ALA D 15 -31.74 7.18 18.71
C ALA D 15 -31.65 6.74 17.25
N ILE D 16 -30.48 6.26 16.83
CA ILE D 16 -30.34 5.69 15.49
C ILE D 16 -31.31 4.54 15.32
N LEU D 17 -31.33 3.63 16.33
CA LEU D 17 -32.24 2.48 16.23
C LEU D 17 -33.71 2.91 16.26
N SER D 18 -34.08 3.86 17.13
CA SER D 18 -35.48 4.29 17.15
C SER D 18 -35.89 4.87 15.80
N ARG D 19 -35.02 5.68 15.19
CA ARG D 19 -35.36 6.24 13.88
C ARG D 19 -35.44 5.14 12.82
N PHE D 20 -34.55 4.15 12.91
CA PHE D 20 -34.57 3.03 11.97
C PHE D 20 -35.89 2.28 12.06
N PHE D 21 -36.31 1.94 13.29
CA PHE D 21 -37.56 1.20 13.48
C PHE D 21 -38.77 2.02 13.09
N GLU D 22 -38.73 3.35 13.30
CA GLU D 22 -39.84 4.18 12.85
C GLU D 22 -39.97 4.18 11.33
N LYS D 23 -38.83 4.34 10.65
CA LYS D 23 -38.79 4.51 9.20
C LYS D 23 -39.27 3.26 8.44
N ILE D 24 -39.01 2.07 8.95
CA ILE D 24 -39.51 0.84 8.30
C ILE D 24 -40.77 0.31 8.99
N ASP D 25 -41.33 1.06 9.93
CA ASP D 25 -42.55 0.70 10.64
C ASP D 25 -42.40 -0.66 11.30
N PHE D 26 -41.27 -0.85 11.97
CA PHE D 26 -41.06 -2.10 12.68
C PHE D 26 -41.98 -2.19 13.89
N HIS D 27 -42.65 -3.32 14.02
CA HIS D 27 -43.49 -3.66 15.16
C HIS D 27 -43.04 -5.03 15.64
N LEU D 28 -42.65 -5.12 16.92
CA LEU D 28 -42.08 -6.35 17.46
C LEU D 28 -43.08 -7.50 17.37
N PRO D 29 -42.68 -8.66 16.84
CA PRO D 29 -43.56 -9.84 16.90
C PRO D 29 -43.73 -10.35 18.33
N LYS D 30 -44.83 -11.07 18.54
CA LYS D 30 -44.98 -11.80 19.80
C LYS D 30 -43.87 -12.85 19.90
N PRO D 31 -43.56 -13.30 21.12
CA PRO D 31 -42.41 -14.22 21.29
C PRO D 31 -42.62 -15.54 20.57
N TYR D 32 -41.63 -15.90 19.73
CA TYR D 32 -41.67 -17.15 18.99
C TYR D 32 -41.27 -18.32 19.88
N TYR D 33 -42.05 -19.40 19.79
CA TYR D 33 -41.64 -20.67 20.40
C TYR D 33 -41.97 -21.81 19.45
N ASP D 34 -40.98 -22.69 19.26
CA ASP D 34 -41.12 -23.89 18.44
C ASP D 34 -40.43 -25.00 19.21
N SER D 35 -41.21 -25.72 20.02
CA SER D 35 -40.71 -26.82 20.83
C SER D 35 -40.19 -27.95 19.97
N SER D 36 -40.32 -27.84 18.64
CA SER D 36 -39.89 -28.92 17.76
C SER D 36 -38.45 -28.78 17.31
N ILE D 37 -37.94 -27.55 17.19
CA ILE D 37 -36.64 -27.37 16.55
C ILE D 37 -35.52 -27.90 17.43
N GLU D 38 -35.55 -27.60 18.74
CA GLU D 38 -34.44 -28.04 19.58
C GLU D 38 -34.30 -29.56 19.65
N PRO D 39 -35.34 -30.36 19.89
CA PRO D 39 -35.15 -31.83 19.85
C PRO D 39 -34.65 -32.35 18.51
N ALA D 40 -35.14 -31.78 17.42
CA ALA D 40 -34.69 -32.26 16.11
C ALA D 40 -33.22 -31.95 15.90
N LEU D 41 -32.79 -30.76 16.32
CA LEU D 41 -31.38 -30.43 16.16
C LEU D 41 -30.50 -31.28 17.05
N ALA D 42 -30.97 -31.55 18.28
CA ALA D 42 -30.23 -32.47 19.15
C ALA D 42 -30.09 -33.85 18.51
N LYS D 43 -31.15 -34.33 17.85
CA LYS D 43 -31.06 -35.63 17.21
C LYS D 43 -30.13 -35.59 16.00
N TYR D 44 -30.17 -34.49 15.24
CA TYR D 44 -29.23 -34.30 14.13
C TYR D 44 -27.79 -34.41 14.63
N ILE D 45 -27.48 -33.70 15.72
CA ILE D 45 -26.12 -33.70 16.26
C ILE D 45 -25.75 -35.10 16.73
N GLU D 46 -26.66 -35.79 17.40
CA GLU D 46 -26.37 -37.15 17.86
C GLU D 46 -26.06 -38.09 16.70
N GLU D 47 -26.72 -37.90 15.56
CA GLU D 47 -26.55 -38.77 14.39
C GLU D 47 -25.26 -38.50 13.61
N GLN D 48 -24.60 -37.37 13.81
CA GLN D 48 -23.40 -37.08 13.02
C GLN D 48 -22.23 -37.95 13.51
N PRO D 49 -21.38 -38.38 12.60
CA PRO D 49 -20.19 -39.15 13.00
C PRO D 49 -19.09 -38.23 13.51
N TRP D 50 -19.43 -37.47 14.55
CA TRP D 50 -18.56 -36.45 15.15
C TRP D 50 -17.97 -36.97 16.45
N SER D 51 -16.90 -36.33 16.86
CA SER D 51 -16.33 -36.73 18.15
C SER D 51 -17.26 -36.27 19.27
N GLU D 52 -17.12 -36.92 20.44
CA GLU D 52 -17.90 -36.53 21.61
C GLU D 52 -17.64 -35.07 21.98
N ASP D 53 -16.40 -34.61 21.82
CA ASP D 53 -16.08 -33.21 22.10
C ASP D 53 -16.85 -32.26 21.18
N LEU D 54 -16.87 -32.54 19.88
CA LEU D 54 -17.62 -31.68 18.97
C LEU D 54 -19.12 -31.72 19.28
N LYS D 55 -19.66 -32.89 19.60
CA LYS D 55 -21.09 -32.94 19.93
C LYS D 55 -21.40 -32.09 21.17
N THR D 56 -20.50 -32.18 22.15
CA THR D 56 -20.65 -31.40 23.38
C THR D 56 -20.64 -29.90 23.09
N ARG D 57 -19.67 -29.43 22.30
CA ARG D 57 -19.62 -28.00 21.94
C ARG D 57 -20.80 -27.59 21.07
N ALA D 58 -21.21 -28.47 20.16
CA ALA D 58 -22.32 -28.18 19.29
C ALA D 58 -23.60 -27.92 20.07
N ALA D 59 -23.73 -28.47 21.28
CA ALA D 59 -24.90 -28.14 22.10
C ALA D 59 -25.01 -26.62 22.34
N LYS D 60 -23.88 -25.99 22.69
CA LYS D 60 -23.89 -24.54 22.89
C LYS D 60 -24.15 -23.82 21.59
N TYR D 61 -23.47 -24.23 20.52
CA TYR D 61 -23.72 -23.59 19.22
C TYR D 61 -25.17 -23.77 18.75
N ALA D 62 -25.79 -24.88 19.12
CA ALA D 62 -27.16 -25.16 18.70
C ALA D 62 -28.12 -24.19 19.37
N LYS D 63 -27.84 -23.86 20.64
CA LYS D 63 -28.67 -22.87 21.31
C LYS D 63 -28.77 -21.57 20.51
N GLN D 64 -27.70 -21.15 19.88
CA GLN D 64 -27.84 -19.92 19.13
C GLN D 64 -28.40 -20.18 17.73
N ALA D 65 -28.13 -21.34 17.14
CA ALA D 65 -28.66 -21.62 15.80
C ALA D 65 -30.19 -21.67 15.79
N VAL D 66 -30.81 -22.22 16.84
CA VAL D 66 -32.25 -22.51 16.78
C VAL D 66 -33.07 -21.24 16.64
N GLY D 67 -32.51 -20.08 17.01
CA GLY D 67 -33.26 -18.85 16.86
C GLY D 67 -33.57 -18.53 15.42
N ILE D 68 -32.83 -19.11 14.49
CA ILE D 68 -33.06 -18.83 13.07
C ILE D 68 -34.43 -19.36 12.63
N ALA D 69 -34.93 -20.43 13.26
CA ALA D 69 -36.27 -20.91 12.94
C ALA D 69 -37.32 -19.79 13.12
N SER D 70 -37.12 -18.90 14.10
CA SER D 70 -38.08 -17.84 14.32
C SER D 70 -38.15 -16.84 13.17
N TRP D 71 -37.17 -16.86 12.26
CA TRP D 71 -37.18 -15.98 11.09
C TRP D 71 -38.18 -16.40 10.03
N TYR D 72 -38.64 -17.65 10.06
CA TYR D 72 -39.53 -18.17 9.04
C TYR D 72 -40.74 -18.77 9.74
N PRO D 73 -41.55 -17.93 10.39
CA PRO D 73 -42.60 -18.46 11.28
C PRO D 73 -43.65 -19.29 10.57
N ARG D 74 -43.94 -18.99 9.30
CA ARG D 74 -44.97 -19.72 8.55
C ARG D 74 -44.42 -20.85 7.70
N ALA D 75 -43.10 -21.03 7.65
CA ALA D 75 -42.55 -21.98 6.71
C ALA D 75 -42.73 -23.40 7.24
N SER D 76 -42.58 -24.37 6.33
CA SER D 76 -42.63 -25.76 6.72
C SER D 76 -41.48 -26.09 7.68
N PHE D 77 -41.66 -27.19 8.41
CA PHE D 77 -40.56 -27.66 9.25
C PHE D 77 -39.30 -27.86 8.46
N ALA D 78 -39.40 -28.42 7.25
CA ALA D 78 -38.21 -28.67 6.43
C ALA D 78 -37.41 -27.39 6.21
N VAL D 79 -38.10 -26.29 5.91
CA VAL D 79 -37.41 -25.03 5.67
C VAL D 79 -36.77 -24.51 6.96
N ARG D 80 -37.55 -24.46 8.05
CA ARG D 80 -37.03 -23.94 9.31
C ARG D 80 -35.86 -24.78 9.81
N PHE D 81 -36.02 -26.11 9.82
CA PHE D 81 -34.99 -27.00 10.33
C PHE D 81 -33.73 -26.96 9.48
N ASN D 82 -33.85 -26.98 8.15
CA ASN D 82 -32.63 -26.88 7.35
C ASN D 82 -31.92 -25.54 7.54
N CYS D 83 -32.67 -24.44 7.64
CA CYS D 83 -32.00 -23.16 7.91
C CYS D 83 -31.25 -23.19 9.24
N VAL D 84 -31.86 -23.83 10.23
CA VAL D 84 -31.21 -24.00 11.53
C VAL D 84 -29.96 -24.88 11.44
N VAL D 85 -30.02 -25.98 10.67
CA VAL D 85 -28.87 -26.87 10.57
C VAL D 85 -27.69 -26.16 9.92
N ILE D 86 -27.92 -25.51 8.76
CA ILE D 86 -26.80 -24.85 8.11
C ILE D 86 -26.24 -23.73 9.00
N THR D 87 -27.10 -23.02 9.75
CA THR D 87 -26.61 -22.04 10.71
C THR D 87 -25.70 -22.69 11.77
N LEU D 88 -26.10 -23.85 12.30
CA LEU D 88 -25.21 -24.57 13.24
C LEU D 88 -23.86 -24.87 12.59
N LEU D 89 -23.88 -25.34 11.34
CA LEU D 89 -22.61 -25.74 10.71
C LEU D 89 -21.71 -24.54 10.43
N VAL D 90 -22.28 -23.38 10.07
CA VAL D 90 -21.40 -22.23 9.81
C VAL D 90 -20.98 -21.57 11.13
N ILE D 91 -21.74 -21.73 12.22
CA ILE D 91 -21.24 -21.31 13.54
C ILE D 91 -20.03 -22.16 13.94
N ILE D 92 -20.13 -23.48 13.76
CA ILE D 92 -18.98 -24.35 14.05
C ILE D 92 -17.78 -23.94 13.20
N TYR D 93 -17.98 -23.72 11.89
CA TYR D 93 -16.88 -23.26 11.05
C TYR D 93 -16.25 -21.98 11.61
N ASP D 94 -17.08 -20.98 11.90
CA ASP D 94 -16.58 -19.72 12.41
C ASP D 94 -15.78 -19.93 13.69
N GLU D 95 -16.08 -20.99 14.44
CA GLU D 95 -15.33 -21.31 15.65
C GLU D 95 -14.05 -22.13 15.42
N ASP D 96 -13.98 -22.92 14.37
CA ASP D 96 -12.93 -23.93 14.29
C ASP D 96 -12.03 -23.80 13.05
N TYR D 97 -12.26 -22.78 12.21
CA TYR D 97 -11.55 -22.72 10.94
C TYR D 97 -10.06 -22.53 11.12
N LEU D 98 -9.63 -21.86 12.21
CA LEU D 98 -8.19 -21.79 12.50
C LEU D 98 -7.69 -23.07 13.16
N THR D 99 -8.48 -23.65 14.09
CA THR D 99 -8.06 -24.87 14.78
C THR D 99 -7.86 -26.00 13.79
N PHE D 100 -8.79 -26.14 12.86
CA PHE D 100 -8.65 -27.13 11.80
C PHE D 100 -7.55 -26.76 10.80
N GLY D 101 -6.80 -25.69 11.07
CA GLY D 101 -5.48 -25.46 10.50
C GLY D 101 -5.47 -25.03 9.05
N ASP D 102 -5.87 -25.95 8.17
CA ASP D 102 -6.16 -25.64 6.78
C ASP D 102 -7.36 -26.43 6.25
N ALA D 103 -8.28 -26.86 7.13
CA ALA D 103 -9.33 -27.80 6.73
C ALA D 103 -10.29 -27.16 5.72
N GLY D 104 -11.01 -26.12 6.16
CA GLY D 104 -11.86 -25.39 5.25
C GLY D 104 -11.12 -24.85 4.07
N THR D 105 -9.79 -24.65 4.19
CA THR D 105 -9.02 -24.15 3.06
C THR D 105 -9.11 -25.10 1.85
N GLU D 106 -9.47 -26.35 2.09
CA GLU D 106 -9.66 -27.30 0.99
C GLU D 106 -11.11 -27.73 0.82
N PHE D 107 -12.06 -27.08 1.50
CA PHE D 107 -13.47 -27.51 1.42
C PHE D 107 -13.98 -27.50 -0.03
N SER D 108 -13.82 -26.38 -0.74
CA SER D 108 -14.51 -26.26 -2.03
C SER D 108 -13.97 -27.29 -3.03
N LEU D 109 -12.63 -27.43 -3.11
CA LEU D 109 -12.06 -28.40 -4.03
C LEU D 109 -12.48 -29.82 -3.68
N ARG D 110 -12.40 -30.17 -2.37
CA ARG D 110 -12.79 -31.53 -2.02
C ARG D 110 -14.27 -31.73 -2.25
N LEU D 111 -15.06 -30.66 -2.12
CA LEU D 111 -16.49 -30.78 -2.36
C LEU D 111 -16.75 -31.13 -3.82
N VAL D 112 -16.10 -30.41 -4.74
CA VAL D 112 -16.40 -30.64 -6.16
C VAL D 112 -15.65 -31.83 -6.71
N ARG D 113 -14.71 -32.35 -5.95
CA ARG D 113 -14.04 -33.58 -6.28
C ARG D 113 -14.72 -34.80 -5.67
N GLY D 114 -15.76 -34.62 -4.87
CA GLY D 114 -16.38 -35.76 -4.18
C GLY D 114 -15.48 -36.50 -3.22
N LEU D 115 -14.60 -35.78 -2.53
CA LEU D 115 -13.62 -36.39 -1.66
C LEU D 115 -13.97 -36.15 -0.19
N PRO D 116 -13.66 -37.06 0.71
CA PRO D 116 -13.89 -36.78 2.14
C PRO D 116 -13.14 -35.53 2.60
N GLN D 117 -13.81 -34.76 3.46
CA GLN D 117 -13.25 -33.52 3.95
C GLN D 117 -12.20 -33.79 5.04
N LYS D 118 -11.45 -32.76 5.41
CA LYS D 118 -10.46 -33.02 6.44
C LYS D 118 -11.03 -33.07 7.85
N ALA D 119 -12.31 -32.74 8.03
CA ALA D 119 -12.92 -32.88 9.33
C ALA D 119 -14.37 -33.30 9.17
N PRO D 120 -14.87 -34.15 10.06
CA PRO D 120 -16.26 -34.63 9.92
C PRO D 120 -17.32 -33.53 9.88
N PHE D 121 -17.17 -32.43 10.62
CA PHE D 121 -18.22 -31.43 10.46
C PHE D 121 -18.23 -30.83 9.06
N LEU D 122 -17.08 -30.85 8.36
CA LEU D 122 -17.12 -30.39 6.97
C LEU D 122 -17.77 -31.43 6.07
N ASP D 123 -17.66 -32.73 6.39
CA ASP D 123 -18.49 -33.73 5.70
C ASP D 123 -19.98 -33.45 5.90
N SER D 124 -20.38 -33.07 7.12
CA SER D 124 -21.77 -32.71 7.37
C SER D 124 -22.19 -31.51 6.53
N LEU D 125 -21.33 -30.51 6.44
CA LEU D 125 -21.59 -29.34 5.58
C LEU D 125 -21.73 -29.76 4.12
N ALA D 126 -20.83 -30.64 3.64
CA ALA D 126 -20.97 -31.15 2.27
C ALA D 126 -22.32 -31.84 2.05
N GLN D 127 -22.71 -32.73 2.98
CA GLN D 127 -24.01 -33.43 2.86
C GLN D 127 -25.19 -32.45 2.87
N PHE D 128 -25.12 -31.42 3.71
CA PHE D 128 -26.19 -30.42 3.66
C PHE D 128 -26.32 -29.83 2.26
N LEU D 129 -25.18 -29.41 1.68
CA LEU D 129 -25.25 -28.80 0.35
C LEU D 129 -25.76 -29.80 -0.68
N GLN D 130 -25.45 -31.09 -0.47
CA GLN D 130 -25.89 -32.13 -1.40
C GLN D 130 -27.39 -32.38 -1.33
N ASN D 131 -28.04 -31.93 -0.26
CA ASN D 131 -29.46 -32.23 -0.10
C ASN D 131 -30.35 -30.99 0.01
N THR D 132 -29.84 -29.80 -0.36
CA THR D 132 -30.71 -28.61 -0.43
C THR D 132 -31.95 -28.79 -1.31
N ASP D 133 -31.97 -29.75 -2.25
CA ASP D 133 -33.19 -29.95 -3.03
C ASP D 133 -34.35 -30.45 -2.18
N GLN D 134 -34.10 -30.84 -0.93
CA GLN D 134 -35.18 -31.15 0.00
C GLN D 134 -36.08 -29.93 0.28
N TYR D 135 -35.54 -28.71 0.17
CA TYR D 135 -36.39 -27.56 0.46
C TYR D 135 -36.28 -26.39 -0.54
N LEU D 136 -35.31 -26.40 -1.46
CA LEU D 136 -35.18 -25.36 -2.48
C LEU D 136 -35.24 -25.94 -3.88
N GLY D 137 -35.64 -25.10 -4.83
CA GLY D 137 -35.51 -25.43 -6.23
C GLY D 137 -34.06 -25.32 -6.68
N PRO D 138 -33.82 -25.63 -7.96
CA PRO D 138 -32.41 -25.72 -8.40
C PRO D 138 -31.65 -24.40 -8.39
N TYR D 139 -32.31 -23.25 -8.68
CA TYR D 139 -31.61 -21.97 -8.56
C TYR D 139 -31.25 -21.70 -7.10
N GLY D 140 -32.22 -21.90 -6.19
CA GLY D 140 -31.94 -21.71 -4.78
C GLY D 140 -30.83 -22.61 -4.27
N SER D 141 -30.84 -23.88 -4.69
CA SER D 141 -29.78 -24.81 -4.29
C SER D 141 -28.42 -24.31 -4.74
N SER D 142 -28.34 -23.90 -6.00
CA SER D 142 -27.08 -23.39 -6.53
C SER D 142 -26.59 -22.21 -5.71
N MET D 143 -27.49 -21.31 -5.35
CA MET D 143 -27.02 -20.12 -4.63
C MET D 143 -26.65 -20.45 -3.19
N VAL D 144 -27.34 -21.39 -2.54
CA VAL D 144 -26.86 -21.80 -1.21
C VAL D 144 -25.47 -22.39 -1.30
N ILE D 145 -25.21 -23.22 -2.33
CA ILE D 145 -23.85 -23.76 -2.49
C ILE D 145 -22.83 -22.65 -2.70
N LYS D 146 -23.09 -21.74 -3.66
CA LYS D 146 -22.07 -20.75 -3.97
C LYS D 146 -21.86 -19.80 -2.79
N THR D 147 -22.94 -19.49 -2.04
CA THR D 147 -22.83 -18.65 -0.85
C THR D 147 -22.00 -19.33 0.24
N THR D 148 -22.15 -20.65 0.37
CA THR D 148 -21.36 -21.35 1.40
C THR D 148 -19.88 -21.34 1.02
N LEU D 149 -19.58 -21.51 -0.27
CA LEU D 149 -18.17 -21.42 -0.70
C LEU D 149 -17.59 -20.04 -0.39
N GLU D 150 -18.37 -18.99 -0.67
CA GLU D 150 -17.92 -17.64 -0.36
C GLU D 150 -17.69 -17.47 1.14
N PHE D 151 -18.60 -17.99 1.95
CA PHE D 151 -18.48 -17.83 3.41
C PHE D 151 -17.24 -18.54 3.94
N VAL D 152 -17.01 -19.80 3.53
CA VAL D 152 -15.84 -20.54 4.02
C VAL D 152 -14.56 -19.79 3.69
N GLU D 153 -14.43 -19.35 2.43
CA GLU D 153 -13.17 -18.71 2.07
C GLU D 153 -13.07 -17.27 2.56
N GLY D 154 -14.18 -16.54 2.55
CA GLY D 154 -14.17 -15.19 3.06
C GLY D 154 -13.89 -15.14 4.54
N THR D 155 -14.38 -16.14 5.29
CA THR D 155 -14.01 -16.22 6.68
C THR D 155 -12.51 -16.40 6.82
N ASN D 156 -11.92 -17.30 6.01
CA ASN D 156 -10.46 -17.43 6.05
C ASN D 156 -9.78 -16.08 5.79
N VAL D 157 -10.19 -15.40 4.72
CA VAL D 157 -9.48 -14.20 4.30
C VAL D 157 -9.72 -13.01 5.25
N GLU D 158 -10.85 -12.99 5.96
CA GLU D 158 -11.17 -11.89 6.88
C GLU D 158 -10.04 -11.65 7.87
N ASN D 159 -9.40 -12.72 8.31
CA ASN D 159 -8.39 -12.63 9.35
C ASN D 159 -7.12 -11.92 8.88
N ASP D 160 -7.12 -11.28 7.71
CA ASP D 160 -5.94 -10.63 7.15
C ASP D 160 -6.00 -9.11 7.22
N PHE D 161 -7.13 -8.52 7.55
CA PHE D 161 -7.29 -7.07 7.47
C PHE D 161 -7.41 -6.42 8.84
N SER D 162 -6.97 -7.11 9.91
CA SER D 162 -7.03 -6.57 11.27
C SER D 162 -6.21 -5.28 11.43
N VAL D 165 -7.14 -1.77 6.46
CA VAL D 165 -8.07 -1.57 5.35
C VAL D 165 -7.69 -0.30 4.58
N PRO D 166 -7.36 -0.44 3.29
CA PRO D 166 -6.80 0.68 2.52
C PRO D 166 -7.82 1.81 2.35
N PRO D 167 -7.40 3.05 2.58
CA PRO D 167 -8.34 4.18 2.53
C PRO D 167 -9.02 4.37 1.18
N ASP D 168 -8.37 4.04 0.07
CA ASP D 168 -8.97 4.37 -1.22
C ASP D 168 -9.91 3.29 -1.75
N ALA D 169 -10.12 2.21 -1.00
CA ALA D 169 -10.86 1.05 -1.48
C ALA D 169 -12.34 1.17 -1.10
N LEU D 170 -13.03 2.07 -1.80
CA LEU D 170 -14.41 2.39 -1.40
C LEU D 170 -15.37 1.21 -1.58
N ARG D 171 -15.15 0.34 -2.58
CA ARG D 171 -16.08 -0.77 -2.85
C ARG D 171 -15.78 -2.03 -2.04
N PHE D 172 -14.60 -2.07 -1.41
CA PHE D 172 -14.19 -3.24 -0.64
C PHE D 172 -15.05 -3.56 0.58
N PRO D 173 -15.43 -2.60 1.45
CA PRO D 173 -16.26 -2.99 2.61
C PRO D 173 -17.52 -3.76 2.23
N ARG D 174 -18.22 -3.34 1.17
CA ARG D 174 -19.42 -4.10 0.79
C ARG D 174 -19.04 -5.48 0.26
N TYR D 175 -17.93 -5.58 -0.46
CA TYR D 175 -17.50 -6.85 -1.02
C TYR D 175 -17.20 -7.85 0.09
N LEU D 176 -16.47 -7.39 1.11
CA LEU D 176 -16.13 -8.26 2.23
C LEU D 176 -17.39 -8.70 2.97
N ARG D 177 -18.33 -7.76 3.13
CA ARG D 177 -19.56 -8.08 3.84
C ARG D 177 -20.43 -9.06 3.06
N VAL D 178 -20.50 -8.92 1.73
CA VAL D 178 -21.18 -9.91 0.90
C VAL D 178 -20.56 -11.28 1.13
N LYS D 179 -19.22 -11.35 1.09
CA LYS D 179 -18.59 -12.68 1.17
C LYS D 179 -18.82 -13.33 2.53
N THR D 180 -18.85 -12.57 3.61
CA THR D 180 -18.91 -13.24 4.91
C THR D 180 -20.27 -13.17 5.57
N GLY D 181 -21.24 -12.46 4.98
CA GLY D 181 -22.52 -12.30 5.64
C GLY D 181 -23.48 -13.48 5.49
N PHE D 182 -23.25 -14.36 4.52
CA PHE D 182 -24.11 -15.55 4.31
C PHE D 182 -25.55 -15.18 3.95
N ALA D 183 -25.81 -13.96 3.46
CA ALA D 183 -27.19 -13.50 3.37
C ALA D 183 -28.01 -14.27 2.34
N GLU D 184 -27.41 -14.62 1.19
CA GLU D 184 -28.18 -15.25 0.11
C GLU D 184 -28.81 -16.56 0.55
N THR D 185 -28.15 -17.29 1.45
CA THR D 185 -28.70 -18.55 1.97
C THR D 185 -30.04 -18.30 2.67
N TYR D 186 -30.12 -17.25 3.48
CA TYR D 186 -31.36 -16.97 4.19
C TYR D 186 -32.40 -16.37 3.27
N ALA D 187 -31.94 -15.55 2.32
CA ALA D 187 -32.88 -14.89 1.43
C ALA D 187 -33.67 -15.91 0.62
N HIS D 188 -32.98 -16.98 0.17
CA HIS D 188 -33.69 -17.97 -0.64
C HIS D 188 -34.73 -18.74 0.16
N ALA D 189 -34.53 -18.90 1.46
CA ALA D 189 -35.54 -19.58 2.27
C ALA D 189 -36.74 -18.69 2.53
N ILE D 190 -36.64 -17.38 2.23
CA ILE D 190 -37.86 -16.54 2.26
C ILE D 190 -38.90 -17.05 1.23
N PHE D 191 -38.44 -17.69 0.15
CA PHE D 191 -39.30 -18.14 -0.96
C PHE D 191 -39.11 -19.63 -1.16
N PRO D 192 -39.62 -20.45 -0.24
CA PRO D 192 -39.38 -21.89 -0.34
C PRO D 192 -40.05 -22.53 -1.55
N ASN D 193 -39.44 -23.62 -2.03
CA ASN D 193 -39.87 -24.28 -3.26
C ASN D 193 -41.22 -24.98 -3.14
N ASP D 194 -41.63 -25.39 -1.93
CA ASP D 194 -42.95 -26.03 -1.81
C ASP D 194 -44.08 -25.00 -1.95
N THR D 195 -43.93 -23.83 -1.34
CA THR D 195 -44.91 -22.75 -1.43
C THR D 195 -44.83 -21.99 -2.76
N PHE D 196 -43.61 -21.73 -3.25
CA PHE D 196 -43.39 -20.93 -4.46
C PHE D 196 -42.51 -21.70 -5.45
N PRO D 197 -43.06 -22.71 -6.10
CA PRO D 197 -42.23 -23.50 -7.03
C PRO D 197 -41.55 -22.61 -8.06
N GLU D 198 -40.25 -22.86 -8.26
CA GLU D 198 -39.41 -21.96 -9.05
C GLU D 198 -39.92 -21.75 -10.46
N HIS D 199 -40.38 -22.81 -11.13
CA HIS D 199 -40.73 -22.66 -12.54
C HIS D 199 -41.81 -21.59 -12.74
N LYS D 200 -42.68 -21.39 -11.76
CA LYS D 200 -43.71 -20.37 -11.85
C LYS D 200 -43.33 -19.08 -11.12
N TYR D 201 -42.64 -19.16 -9.97
CA TYR D 201 -42.46 -17.99 -9.09
C TYR D 201 -41.09 -17.33 -9.17
N ARG D 202 -40.06 -18.03 -9.65
CA ARG D 202 -38.72 -17.46 -9.62
C ARG D 202 -38.66 -16.15 -10.42
N LYS D 203 -39.32 -16.11 -11.59
CA LYS D 203 -39.27 -14.86 -12.34
C LYS D 203 -39.96 -13.71 -11.61
N LEU D 204 -40.86 -14.01 -10.67
CA LEU D 204 -41.56 -12.96 -9.90
C LEU D 204 -40.75 -12.51 -8.69
N TYR D 205 -40.04 -13.43 -8.02
CA TYR D 205 -39.35 -12.97 -6.83
C TYR D 205 -37.86 -12.70 -7.04
N LEU D 206 -37.27 -13.13 -8.15
CA LEU D 206 -35.84 -12.88 -8.35
C LEU D 206 -35.47 -11.42 -8.21
N PRO D 207 -36.25 -10.46 -8.72
CA PRO D 207 -35.85 -9.05 -8.54
C PRO D 207 -35.79 -8.63 -7.09
N ALA D 208 -36.40 -9.36 -6.17
CA ALA D 208 -36.30 -8.97 -4.76
C ALA D 208 -35.09 -9.58 -4.05
N LEU D 209 -34.39 -10.54 -4.65
CA LEU D 209 -33.30 -11.20 -3.91
C LEU D 209 -32.16 -10.25 -3.57
N SER D 210 -31.72 -9.41 -4.51
CA SER D 210 -30.62 -8.49 -4.16
C SER D 210 -31.01 -7.53 -3.04
N PRO D 211 -32.15 -6.84 -3.10
CA PRO D 211 -32.52 -5.97 -1.95
C PRO D 211 -32.68 -6.77 -0.66
N LEU D 212 -33.17 -8.00 -0.73
CA LEU D 212 -33.29 -8.77 0.51
C LEU D 212 -31.92 -9.05 1.12
N CYS D 213 -30.93 -9.36 0.27
CA CYS D 213 -29.59 -9.69 0.74
C CYS D 213 -28.97 -8.47 1.41
N ASP D 214 -29.22 -7.28 0.82
CA ASP D 214 -28.79 -6.03 1.47
C ASP D 214 -29.48 -5.83 2.79
N ILE D 215 -30.79 -6.08 2.85
CA ILE D 215 -31.51 -5.91 4.12
C ILE D 215 -30.94 -6.83 5.18
N ILE D 216 -30.66 -8.07 4.83
CA ILE D 216 -30.16 -9.03 5.80
C ILE D 216 -28.78 -8.60 6.32
N ASP D 217 -27.85 -8.29 5.40
CA ASP D 217 -26.52 -7.87 5.84
C ASP D 217 -26.60 -6.59 6.67
N PHE D 218 -27.17 -5.53 6.06
CA PHE D 218 -27.13 -4.19 6.64
C PHE D 218 -27.92 -4.12 7.94
N THR D 219 -29.07 -4.78 8.02
CA THR D 219 -29.83 -4.76 9.27
C THR D 219 -29.05 -5.39 10.40
N ASN D 220 -28.35 -6.51 10.14
CA ASN D 220 -27.47 -7.01 11.18
C ASN D 220 -26.34 -6.03 11.47
N ASP D 221 -25.76 -5.38 10.45
CA ASP D 221 -24.71 -4.41 10.77
C ASP D 221 -25.22 -3.31 11.71
N ILE D 222 -26.41 -2.78 11.44
CA ILE D 222 -26.99 -1.73 12.29
C ILE D 222 -27.17 -2.26 13.70
N LEU D 223 -27.79 -3.44 13.83
CA LEU D 223 -28.24 -3.91 15.15
C LEU D 223 -27.17 -4.61 15.96
N SER D 224 -26.13 -5.13 15.32
CA SER D 224 -25.01 -5.73 16.05
C SER D 224 -23.85 -4.77 16.21
N PHE D 225 -23.94 -3.51 15.71
CA PHE D 225 -22.83 -2.59 15.97
C PHE D 225 -22.57 -2.39 17.47
N TYR D 226 -23.60 -2.41 18.30
CA TYR D 226 -23.38 -2.27 19.74
C TYR D 226 -22.48 -3.39 20.27
N LYS D 227 -22.83 -4.65 19.98
CA LYS D 227 -22.04 -5.74 20.54
C LYS D 227 -20.68 -5.87 19.87
N GLU D 228 -20.56 -5.45 18.60
CA GLU D 228 -19.28 -5.62 17.91
C GLU D 228 -18.29 -4.52 18.27
N THR D 229 -18.73 -3.28 18.23
CA THR D 229 -17.78 -2.17 18.21
C THR D 229 -17.91 -1.23 19.40
N ILE D 230 -19.13 -0.94 19.84
CA ILE D 230 -19.29 -0.08 21.01
C ILE D 230 -18.86 -0.81 22.27
N ARG D 231 -19.46 -1.97 22.50
CA ARG D 231 -19.18 -2.82 23.65
C ARG D 231 -18.07 -3.81 23.37
N GLY D 232 -17.80 -4.12 22.11
CA GLY D 232 -16.78 -5.08 21.75
C GLY D 232 -15.52 -4.40 21.25
N THR D 233 -14.61 -5.22 20.73
CA THR D 233 -13.32 -4.78 20.22
C THR D 233 -13.25 -4.85 18.70
N GLU D 234 -14.37 -5.15 18.05
CA GLU D 234 -14.39 -5.40 16.63
C GLU D 234 -14.17 -4.08 15.88
N ARG D 235 -13.14 -4.01 15.04
CA ARG D 235 -12.90 -2.81 14.25
C ARG D 235 -12.83 -3.08 12.75
N ILE D 236 -13.10 -4.31 12.30
CA ILE D 236 -13.01 -4.56 10.87
C ILE D 236 -14.37 -5.07 10.35
N ASN D 237 -15.46 -4.58 10.95
CA ASN D 237 -16.75 -4.93 10.41
C ASN D 237 -17.13 -3.92 9.33
N TYR D 238 -18.31 -4.10 8.75
CA TYR D 238 -18.71 -3.28 7.61
C TYR D 238 -18.75 -1.80 7.99
N ILE D 239 -19.38 -1.47 9.12
CA ILE D 239 -19.53 -0.05 9.44
C ILE D 239 -18.15 0.59 9.68
N CYS D 240 -17.26 -0.11 10.39
CA CYS D 240 -15.92 0.45 10.61
C CYS D 240 -15.14 0.53 9.32
N ASN D 241 -15.29 -0.48 8.45
CA ASN D 241 -14.60 -0.46 7.16
C ASN D 241 -15.05 0.71 6.29
N VAL D 242 -16.36 0.99 6.27
CA VAL D 242 -16.86 2.15 5.54
C VAL D 242 -16.30 3.43 6.16
N ALA D 243 -16.31 3.52 7.48
CA ALA D 243 -15.78 4.74 8.10
C ALA D 243 -14.31 4.93 7.75
N ASN D 244 -13.54 3.84 7.69
CA ASN D 244 -12.12 3.91 7.39
C ASN D 244 -11.88 4.33 5.95
N THR D 245 -12.64 3.78 5.01
CA THR D 245 -12.40 4.12 3.61
C THR D 245 -12.99 5.45 3.20
N THR D 246 -13.99 5.96 3.93
CA THR D 246 -14.53 7.26 3.60
C THR D 246 -13.96 8.37 4.48
N GLY D 247 -13.28 8.01 5.57
CA GLY D 247 -12.82 9.02 6.52
C GLY D 247 -13.91 9.58 7.40
N SER D 248 -15.10 8.99 7.35
CA SER D 248 -16.25 9.47 8.09
C SER D 248 -16.29 8.86 9.48
N SER D 249 -17.31 9.25 10.24
CA SER D 249 -17.55 8.69 11.55
C SER D 249 -18.41 7.44 11.43
N ALA D 250 -18.31 6.56 12.44
CA ALA D 250 -19.19 5.41 12.51
C ALA D 250 -20.65 5.86 12.49
N LEU D 251 -20.98 6.93 13.23
CA LEU D 251 -22.36 7.40 13.29
C LEU D 251 -22.90 7.74 11.89
N ARG D 252 -22.16 8.54 11.12
CA ARG D 252 -22.64 8.89 9.79
C ARG D 252 -22.76 7.64 8.91
N CYS D 253 -21.85 6.68 9.04
CA CYS D 253 -21.99 5.47 8.23
C CYS D 253 -23.20 4.64 8.66
N LEU D 254 -23.46 4.55 9.97
CA LEU D 254 -24.66 3.88 10.44
C LEU D 254 -25.90 4.52 9.86
N GLN D 255 -25.94 5.87 9.85
CA GLN D 255 -27.12 6.53 9.32
C GLN D 255 -27.30 6.28 7.83
N GLU D 256 -26.19 6.29 7.06
CA GLU D 256 -26.31 5.98 5.63
C GLU D 256 -26.82 4.55 5.44
N THR D 257 -26.39 3.64 6.30
CA THR D 257 -26.82 2.24 6.19
C THR D 257 -28.29 2.07 6.55
N VAL D 258 -28.76 2.82 7.55
CA VAL D 258 -30.19 2.86 7.86
C VAL D 258 -30.98 3.33 6.64
N ASP D 259 -30.52 4.42 6.02
CA ASP D 259 -31.23 4.92 4.85
C ASP D 259 -31.22 3.88 3.73
N ALA D 260 -30.10 3.18 3.56
CA ALA D 260 -30.03 2.14 2.52
C ALA D 260 -31.04 1.03 2.78
N VAL D 261 -31.15 0.57 4.03
CA VAL D 261 -32.14 -0.46 4.34
C VAL D 261 -33.55 0.04 4.03
N GLU D 262 -33.87 1.28 4.40
CA GLU D 262 -35.23 1.76 4.14
C GLU D 262 -35.49 1.75 2.63
N SER D 263 -34.49 2.16 1.85
CA SER D 263 -34.67 2.20 0.40
C SER D 263 -34.89 0.79 -0.17
N ARG D 264 -34.18 -0.21 0.36
CA ARG D 264 -34.40 -1.60 -0.08
C ARG D 264 -35.81 -2.08 0.30
N VAL D 265 -36.27 -1.73 1.50
CA VAL D 265 -37.62 -2.10 1.92
C VAL D 265 -38.66 -1.52 0.98
N LEU D 266 -38.51 -0.23 0.66
CA LEU D 266 -39.45 0.41 -0.27
C LEU D 266 -39.41 -0.26 -1.64
N GLU D 267 -38.21 -0.57 -2.13
CA GLU D 267 -38.08 -1.23 -3.42
C GLU D 267 -38.78 -2.59 -3.42
N ILE D 268 -38.61 -3.38 -2.37
CA ILE D 268 -39.32 -4.66 -2.29
C ILE D 268 -40.82 -4.47 -2.22
N HIS D 269 -41.29 -3.49 -1.43
CA HIS D 269 -42.72 -3.23 -1.38
C HIS D 269 -43.26 -2.88 -2.77
N ARG D 270 -42.48 -2.17 -3.58
CA ARG D 270 -42.95 -1.81 -4.92
C ARG D 270 -42.96 -3.02 -5.86
N ILE D 271 -41.83 -3.73 -5.93
CA ILE D 271 -41.58 -4.89 -6.81
C ILE D 271 -42.62 -5.98 -6.60
N LEU D 272 -42.92 -6.28 -5.34
CA LEU D 272 -43.83 -7.36 -5.00
C LEU D 272 -45.25 -6.86 -4.73
N ALA D 273 -45.55 -5.59 -5.02
CA ALA D 273 -46.93 -5.12 -4.90
C ALA D 273 -47.93 -6.03 -5.60
N PRO D 274 -47.69 -6.55 -6.81
CA PRO D 274 -48.70 -7.41 -7.46
C PRO D 274 -48.87 -8.78 -6.80
N TYR D 275 -48.01 -9.17 -5.85
CA TYR D 275 -47.91 -10.55 -5.39
C TYR D 275 -48.00 -10.58 -3.87
N PRO D 276 -49.23 -10.58 -3.31
CA PRO D 276 -49.38 -10.40 -1.86
C PRO D 276 -48.71 -11.49 -1.03
N ASP D 277 -48.69 -12.75 -1.49
CA ASP D 277 -48.09 -13.82 -0.71
C ASP D 277 -46.57 -13.72 -0.68
N LEU D 278 -45.94 -13.40 -1.82
CA LEU D 278 -44.49 -13.18 -1.82
C LEU D 278 -44.12 -12.01 -0.89
N LEU D 279 -44.89 -10.93 -0.98
CA LEU D 279 -44.61 -9.77 -0.13
C LEU D 279 -44.79 -10.12 1.34
N ALA D 280 -45.83 -10.90 1.66
CA ALA D 280 -46.08 -11.25 3.05
C ALA D 280 -44.93 -12.07 3.63
N HIS D 281 -44.35 -12.96 2.81
CA HIS D 281 -43.18 -13.69 3.29
C HIS D 281 -42.01 -12.76 3.58
N CYS D 282 -41.81 -11.74 2.74
CA CYS D 282 -40.74 -10.75 3.01
C CYS D 282 -41.01 -9.95 4.29
N ASN D 283 -42.23 -9.42 4.43
CA ASN D 283 -42.54 -8.62 5.61
C ASN D 283 -42.41 -9.45 6.89
N ASP D 284 -42.93 -10.69 6.86
CA ASP D 284 -42.81 -11.59 8.00
C ASP D 284 -41.35 -11.84 8.35
N TYR D 285 -40.51 -12.11 7.34
CA TYR D 285 -39.10 -12.30 7.62
C TYR D 285 -38.49 -11.09 8.31
N LEU D 286 -38.69 -9.90 7.74
CA LEU D 286 -37.99 -8.75 8.30
C LEU D 286 -38.38 -8.49 9.75
N ALA D 287 -39.69 -8.56 10.06
CA ALA D 287 -40.08 -8.31 11.44
C ALA D 287 -39.52 -9.37 12.38
N ALA D 288 -39.55 -10.63 11.95
CA ALA D 288 -38.99 -11.70 12.78
C ALA D 288 -37.49 -11.54 12.97
N TYR D 289 -36.79 -11.13 11.91
CA TYR D 289 -35.33 -10.97 11.92
C TYR D 289 -34.90 -9.87 12.89
N ILE D 290 -35.55 -8.71 12.80
CA ILE D 290 -35.26 -7.64 13.75
C ILE D 290 -35.61 -8.07 15.17
N GLY D 291 -36.80 -8.67 15.35
CA GLY D 291 -37.20 -9.11 16.66
C GLY D 291 -36.21 -10.09 17.27
N TYR D 292 -35.65 -10.97 16.44
CA TYR D 292 -34.61 -11.89 16.90
C TYR D 292 -33.42 -11.14 17.45
N HIS D 293 -33.01 -10.05 16.78
CA HIS D 293 -31.88 -9.28 17.30
C HIS D 293 -32.21 -8.64 18.65
N ILE D 294 -33.42 -8.11 18.78
CA ILE D 294 -33.82 -7.45 20.03
C ILE D 294 -33.91 -8.46 21.17
N ARG D 295 -34.53 -9.63 20.93
CA ARG D 295 -34.83 -10.59 21.97
C ARG D 295 -33.63 -11.43 22.40
N THR D 296 -32.63 -11.61 21.54
CA THR D 296 -31.45 -12.41 21.86
C THR D 296 -30.37 -11.53 22.50
N THR D 297 -30.51 -11.32 23.80
CA THR D 297 -29.60 -10.41 24.47
C THR D 297 -28.21 -11.01 24.75
N SER D 298 -28.08 -12.34 24.73
CA SER D 298 -26.77 -12.97 24.97
C SER D 298 -25.81 -12.75 23.82
N ARG D 299 -26.33 -12.39 22.64
CA ARG D 299 -25.49 -12.03 21.51
C ARG D 299 -25.43 -10.53 21.29
N TYR D 300 -26.56 -9.83 21.38
CA TYR D 300 -26.62 -8.47 20.88
C TYR D 300 -26.78 -7.41 21.97
N PHE D 301 -27.18 -7.79 23.19
CA PHE D 301 -27.13 -6.93 24.37
C PHE D 301 -27.98 -5.68 24.22
N LEU D 302 -29.06 -5.77 23.46
CA LEU D 302 -29.81 -4.57 23.09
C LEU D 302 -30.73 -4.10 24.21
N ASP D 303 -30.85 -4.89 25.28
CA ASP D 303 -31.53 -4.41 26.48
C ASP D 303 -30.75 -3.26 27.12
N GLU D 304 -29.46 -3.17 26.85
CA GLU D 304 -28.61 -2.10 27.37
C GLU D 304 -28.77 -0.80 26.62
N VAL D 305 -29.47 -0.79 25.48
CA VAL D 305 -29.65 0.44 24.72
C VAL D 305 -31.12 0.88 24.81
N ARG D 306 -31.33 2.19 24.84
CA ARG D 306 -32.67 2.76 24.91
C ARG D 306 -33.13 3.16 23.51
N PHE D 307 -34.12 2.43 22.98
CA PHE D 307 -34.68 2.78 21.69
C PHE D 307 -36.20 2.79 21.73
P1 POP E . 21.12 12.49 24.95
O1 POP E . 22.44 11.89 25.39
O2 POP E . 20.96 13.95 25.23
O3 POP E . 19.92 11.74 25.39
O POP E . 21.13 12.32 23.32
P2 POP E . 22.32 12.87 22.40
O4 POP E . 22.60 14.29 22.75
O5 POP E . 23.53 11.99 22.59
O6 POP E . 21.82 12.75 20.98
MG MG F . 24.32 11.40 24.43
MG MG G . 21.76 15.52 24.14
P1 POP H . 20.77 16.25 -11.25
O1 POP H . 21.30 15.87 -9.88
O2 POP H . 20.35 17.71 -11.28
O3 POP H . 19.58 15.38 -11.60
O POP H . 22.01 15.97 -12.24
P2 POP H . 22.01 16.41 -13.78
O4 POP H . 21.99 17.90 -13.84
O5 POP H . 23.31 15.91 -14.39
O6 POP H . 20.78 15.80 -14.45
MG MG I . 21.05 19.18 -12.47
MG MG J . 19.01 15.06 -13.57
P1 POP K . -22.08 -11.08 -22.18
O1 POP K . -21.59 -11.28 -20.77
O2 POP K . -22.65 -9.71 -22.36
O3 POP K . -23.13 -12.08 -22.52
O POP K . -20.78 -11.26 -23.11
P2 POP K . -20.85 -10.83 -24.67
O4 POP K . -21.05 -9.35 -24.86
O5 POP K . -19.51 -11.22 -25.26
O6 POP K . -21.98 -11.63 -25.25
MG MG L . -22.15 -8.15 -23.48
MG MG M . -23.66 -12.59 -24.43
P1 POP N . -23.13 -11.31 14.02
O1 POP N . -21.75 -11.68 14.57
O2 POP N . -23.49 -9.84 14.23
O3 POP N . -24.31 -12.04 14.62
O POP N . -23.06 -11.67 12.46
P2 POP N . -21.95 -11.15 11.44
O4 POP N . -21.81 -9.64 11.57
O5 POP N . -20.59 -11.81 11.67
O6 POP N . -22.44 -11.53 10.08
MG MG O . -22.91 -8.41 12.90
MG MG P . -19.87 -12.13 13.66
#